data_9S6C
#
_entry.id   9S6C
#
_cell.length_a   52.739
_cell.length_b   129.984
_cell.length_c   164.66
_cell.angle_alpha   90
_cell.angle_beta   90
_cell.angle_gamma   90
#
_symmetry.space_group_name_H-M   'P 21 21 21'
#
loop_
_entity.id
_entity.type
_entity.pdbx_description
1 polymer 'Quinoprotein amine dehydrogenase-like protein'
2 polymer 'Quinoprotein amine dehydrogenase-like protein'
3 non-polymer CYANOCOBALAMIN
4 water water
#
loop_
_entity_poly.entity_id
_entity_poly.type
_entity_poly.pdbx_seq_one_letter_code
_entity_poly.pdbx_strand_id
1 'polypeptide(L)'
;GKGCLIINEGWFGHGSGSISFYNYEKNSIEHWCYKNQNFGDVLGVTSQSATLWNGKLYVCSKEDNQLVVMDPKTLYAENS
CGKLANYQAYEFIGLNDDYGIITHGGYFSRINLKTFETITLVSVGNTYTGTGSGIAYNGKLILNVNSSGWGSPKVYTIDI
AELCSPDLKPTDKVAFQELDIATYGGTRFVQCKDGNIYTVETTKDGKNNLVRINADFSLKKVAMRDDYSPSSFGAYREAS
FCGTPEGIFYYIAGGKIYKATFDNPAPEETLTEYTKEGYGFYGAGIRVNPKTNELLAMYLTGDYQKNLLVRFNAATGEKI
SEIAYDGYYFPATFIFN
;
C
2 'polypeptide(L)'
;GHMKGCLIINEGWFGHGSGSISFYNYEKNSIEHWCYKNQNFGDVLGVTSQSATLWNGKLYVCSKEDNQLVVMDPKTLYAE
NSCGKLANYQAYEFIGLNDDYGIITHGGYFSRINLKTFETITLVSVGNTYTGTGSGIAYNGKLILNVNSSGWGSPKVYTI
DIAELCSPDLKPTDKVAFQELDIATYGGTRFVQCKDGNIYTVETTKDGKNNLVRINADFSLKKVAMRDDYSPSSFGAYRE
ASFCGTPEGIFYYIAGGKIYKATFDNPAPEETLTEYTKEGYGFYGAGIRVNPKTNELLAMYLTGDYQKNLLVRFNAATGE
KISEIAYDGYYFPATFIFN
;
A,B
#
loop_
_chem_comp.id
_chem_comp.type
_chem_comp.name
_chem_comp.formula
CNC non-polymer CYANOCOBALAMIN 'C63 H89 Co N14 O14 P 2'
#
# COMPACT_ATOMS: atom_id res chain seq x y z
N GLY A 1 1.73 5.05 -29.50
CA GLY A 1 2.72 5.59 -30.45
C GLY A 1 4.14 5.55 -29.86
N LYS A 2 5.17 5.20 -30.66
CA LYS A 2 6.58 5.22 -30.26
C LYS A 2 7.05 6.68 -30.07
N GLY A 3 7.78 6.94 -28.98
CA GLY A 3 8.20 8.30 -28.66
C GLY A 3 8.83 8.42 -27.28
N CYS A 4 9.03 9.67 -26.85
CA CYS A 4 9.48 10.00 -25.49
C CYS A 4 8.72 11.20 -24.93
N LEU A 5 8.59 11.21 -23.59
CA LEU A 5 8.12 12.37 -22.84
C LEU A 5 9.30 13.29 -22.53
N ILE A 6 9.04 14.62 -22.56
CA ILE A 6 9.98 15.64 -22.15
C ILE A 6 9.28 16.36 -21.00
N ILE A 7 9.88 16.31 -19.81
CA ILE A 7 9.47 17.13 -18.67
C ILE A 7 10.12 18.49 -18.90
N ASN A 8 9.31 19.56 -18.87
CA ASN A 8 9.76 20.92 -19.11
C ASN A 8 9.77 21.68 -17.79
N GLU A 9 10.85 22.43 -17.48
CA GLU A 9 10.86 23.38 -16.38
C GLU A 9 9.73 24.41 -16.50
N GLY A 10 9.48 24.89 -17.75
CA GLY A 10 8.60 26.01 -17.97
C GLY A 10 9.30 27.34 -17.69
N TRP A 11 8.59 28.41 -18.08
CA TRP A 11 9.14 29.76 -18.17
C TRP A 11 8.97 30.42 -16.81
N PHE A 12 10.07 30.44 -16.02
CA PHE A 12 9.99 30.95 -14.65
C PHE A 12 9.59 32.43 -14.66
N GLY A 13 8.61 32.77 -13.81
CA GLY A 13 7.96 34.07 -13.76
C GLY A 13 6.75 34.27 -14.69
N HIS A 14 6.38 33.27 -15.53
CA HIS A 14 5.39 33.42 -16.61
C HIS A 14 4.38 32.27 -16.65
N GLY A 15 4.83 31.02 -16.47
CA GLY A 15 3.93 29.88 -16.36
C GLY A 15 4.57 28.64 -15.76
N SER A 16 3.79 27.55 -15.82
CA SER A 16 4.12 26.30 -15.16
C SER A 16 5.09 25.50 -16.02
N GLY A 17 5.63 24.42 -15.44
CA GLY A 17 6.17 23.31 -16.21
C GLY A 17 5.07 22.57 -16.97
N SER A 18 5.52 21.64 -17.81
CA SER A 18 4.66 20.94 -18.75
C SER A 18 5.32 19.65 -19.21
N ILE A 19 4.54 18.83 -19.92
CA ILE A 19 5.01 17.59 -20.51
C ILE A 19 4.78 17.73 -22.02
N SER A 20 5.88 17.62 -22.80
CA SER A 20 5.85 17.45 -24.25
C SER A 20 6.00 15.97 -24.61
N PHE A 21 5.59 15.62 -25.84
CA PHE A 21 5.70 14.28 -26.41
C PHE A 21 6.34 14.41 -27.79
N TYR A 22 7.52 13.77 -27.98
CA TYR A 22 8.18 13.66 -29.27
C TYR A 22 7.67 12.37 -29.89
N ASN A 23 6.80 12.46 -30.92
CA ASN A 23 6.30 11.33 -31.68
C ASN A 23 7.37 11.01 -32.73
N TYR A 24 8.01 9.83 -32.64
CA TYR A 24 9.08 9.45 -33.57
C TYR A 24 8.56 9.12 -34.97
N GLU A 25 7.44 8.37 -35.08
CA GLU A 25 6.81 7.99 -36.35
C GLU A 25 6.37 9.20 -37.18
N LYS A 26 5.73 10.20 -36.53
CA LYS A 26 5.36 11.48 -37.16
C LYS A 26 6.52 12.49 -37.27
N ASN A 27 7.64 12.34 -36.51
CA ASN A 27 8.68 13.33 -36.23
C ASN A 27 8.05 14.69 -35.87
N SER A 28 7.14 14.66 -34.87
CA SER A 28 6.35 15.80 -34.41
C SER A 28 6.50 15.94 -32.90
N ILE A 29 6.29 17.18 -32.39
CA ILE A 29 6.28 17.51 -30.97
C ILE A 29 4.85 17.99 -30.63
N GLU A 30 4.30 17.48 -29.51
CA GLU A 30 3.02 17.87 -28.93
C GLU A 30 3.33 18.43 -27.55
N HIS A 31 2.75 19.58 -27.17
CA HIS A 31 3.00 20.27 -25.91
C HIS A 31 1.75 20.24 -25.02
N TRP A 32 1.93 20.52 -23.72
CA TRP A 32 0.89 20.63 -22.71
C TRP A 32 0.05 19.33 -22.61
N CYS A 33 0.75 18.18 -22.71
CA CYS A 33 0.10 16.88 -22.86
C CYS A 33 -0.61 16.46 -21.57
N TYR A 34 0.00 16.74 -20.39
CA TYR A 34 -0.66 16.54 -19.10
C TYR A 34 -1.92 17.43 -19.00
N LYS A 35 -1.74 18.74 -19.23
CA LYS A 35 -2.82 19.73 -19.20
C LYS A 35 -4.04 19.32 -20.04
N ASN A 36 -3.77 18.97 -21.29
CA ASN A 36 -4.82 18.63 -22.26
C ASN A 36 -5.52 17.29 -21.94
N GLN A 37 -4.86 16.35 -21.24
CA GLN A 37 -5.47 15.14 -20.69
C GLN A 37 -6.23 15.33 -19.36
N ASN A 38 -6.07 16.45 -18.62
CA ASN A 38 -6.57 16.63 -17.24
C ASN A 38 -7.41 17.91 -17.13
N PHE A 39 -8.26 18.25 -18.14
CA PHE A 39 -9.24 19.34 -18.08
C PHE A 39 -8.64 20.71 -17.67
N GLY A 40 -7.42 20.99 -18.17
CA GLY A 40 -6.71 22.24 -17.88
C GLY A 40 -5.87 22.27 -16.60
N ASP A 41 -5.79 21.17 -15.80
CA ASP A 41 -4.89 21.10 -14.64
C ASP A 41 -3.43 21.17 -15.11
N VAL A 42 -2.55 21.80 -14.31
CA VAL A 42 -1.16 22.05 -14.70
C VAL A 42 -0.23 21.51 -13.61
N LEU A 43 1.02 21.29 -14.01
CA LEU A 43 2.15 21.05 -13.11
C LEU A 43 2.49 22.35 -12.38
N GLY A 44 3.47 22.26 -11.48
CA GLY A 44 3.93 23.41 -10.72
C GLY A 44 4.94 24.24 -11.49
N VAL A 45 5.65 25.06 -10.73
CA VAL A 45 6.67 25.98 -11.22
C VAL A 45 8.01 25.23 -11.13
N THR A 46 8.75 25.18 -12.27
CA THR A 46 10.05 24.54 -12.39
C THR A 46 9.92 23.02 -12.19
N SER A 47 9.32 22.35 -13.19
CA SER A 47 9.16 20.90 -13.22
C SER A 47 10.50 20.28 -13.57
N GLN A 48 11.25 19.79 -12.56
CA GLN A 48 12.68 19.50 -12.75
C GLN A 48 12.97 18.03 -13.00
N SER A 49 12.10 17.12 -12.57
CA SER A 49 12.42 15.71 -12.48
C SER A 49 11.13 14.92 -12.50
N ALA A 50 11.25 13.67 -12.96
CA ALA A 50 10.20 12.69 -12.82
C ALA A 50 10.81 11.32 -12.59
N THR A 51 9.98 10.41 -12.04
CA THR A 51 10.40 9.07 -11.68
C THR A 51 9.25 8.11 -11.95
N LEU A 52 9.56 6.96 -12.59
CA LEU A 52 8.66 5.83 -12.67
C LEU A 52 8.78 5.03 -11.38
N TRP A 53 7.66 4.73 -10.72
CA TRP A 53 7.66 3.94 -9.50
C TRP A 53 6.35 3.16 -9.39
N ASN A 54 6.44 1.83 -9.27
CA ASN A 54 5.32 0.90 -9.16
C ASN A 54 4.22 1.15 -10.20
N GLY A 55 4.64 1.40 -11.45
CA GLY A 55 3.74 1.62 -12.58
C GLY A 55 3.13 3.01 -12.71
N LYS A 56 3.53 4.00 -11.88
CA LYS A 56 3.02 5.36 -11.93
C LYS A 56 4.18 6.27 -12.29
N LEU A 57 3.87 7.44 -12.86
CA LEU A 57 4.82 8.49 -13.15
C LEU A 57 4.63 9.57 -12.09
N TYR A 58 5.67 9.86 -11.31
CA TYR A 58 5.72 10.93 -10.31
C TYR A 58 6.46 12.09 -10.95
N VAL A 59 5.81 13.27 -11.11
CA VAL A 59 6.41 14.43 -11.75
C VAL A 59 6.52 15.50 -10.68
N CYS A 60 7.75 15.92 -10.37
CA CYS A 60 8.04 16.93 -9.38
C CYS A 60 8.09 18.32 -10.01
N SER A 61 7.69 19.34 -9.24
CA SER A 61 7.96 20.74 -9.51
C SER A 61 8.50 21.40 -8.24
N LYS A 62 9.44 22.34 -8.39
CA LYS A 62 10.04 23.05 -7.26
C LYS A 62 9.01 23.76 -6.40
N GLU A 63 8.04 24.46 -7.02
CA GLU A 63 7.05 25.24 -6.30
C GLU A 63 5.64 24.97 -6.81
N ASP A 64 4.65 25.39 -6.00
CA ASP A 64 3.23 25.38 -6.33
C ASP A 64 2.76 23.94 -6.29
N ASN A 65 2.44 23.34 -7.45
CA ASN A 65 1.99 21.97 -7.56
C ASN A 65 3.23 21.08 -7.61
N GLN A 66 3.70 20.65 -6.42
CA GLN A 66 5.02 20.06 -6.29
C GLN A 66 5.10 18.61 -6.72
N LEU A 67 3.96 17.90 -6.82
CA LEU A 67 3.96 16.50 -7.24
C LEU A 67 2.65 16.22 -7.94
N VAL A 68 2.74 15.61 -9.12
CA VAL A 68 1.60 14.99 -9.78
C VAL A 68 1.98 13.55 -10.02
N VAL A 69 1.06 12.64 -9.64
CA VAL A 69 1.15 11.21 -9.85
C VAL A 69 0.20 10.95 -11.02
N MET A 70 0.70 10.36 -12.11
CA MET A 70 -0.09 10.10 -13.31
C MET A 70 0.24 8.71 -13.88
N ASP A 71 -0.68 8.26 -14.73
CA ASP A 71 -0.48 7.07 -15.56
C ASP A 71 0.62 7.37 -16.58
N PRO A 72 1.71 6.55 -16.71
CA PRO A 72 2.78 6.81 -17.69
C PRO A 72 2.34 6.90 -19.17
N LYS A 73 1.31 6.14 -19.57
CA LYS A 73 0.85 6.03 -20.96
C LYS A 73 -0.12 7.15 -21.34
N THR A 74 -1.17 7.37 -20.53
CA THR A 74 -2.23 8.33 -20.79
C THR A 74 -1.91 9.74 -20.25
N LEU A 75 -1.07 9.87 -19.18
CA LEU A 75 -0.90 11.08 -18.38
C LEU A 75 -2.17 11.49 -17.62
N TYR A 76 -3.16 10.59 -17.40
CA TYR A 76 -4.32 10.87 -16.60
C TYR A 76 -3.84 10.90 -15.14
N ALA A 77 -4.23 11.98 -14.41
CA ALA A 77 -3.78 12.19 -13.04
C ALA A 77 -4.40 11.13 -12.14
N GLU A 78 -3.56 10.46 -11.33
CA GLU A 78 -4.00 9.71 -10.18
C GLU A 78 -4.22 10.69 -9.04
N ASN A 79 -3.23 11.59 -8.76
CA ASN A 79 -3.30 12.57 -7.69
C ASN A 79 -2.47 13.80 -8.09
N SER A 80 -3.10 14.98 -8.09
CA SER A 80 -2.43 16.27 -8.27
C SER A 80 -2.29 16.87 -6.87
N CYS A 81 -1.07 16.85 -6.30
CA CYS A 81 -0.88 17.02 -4.86
C CYS A 81 -0.95 18.47 -4.38
N GLY A 82 -0.63 19.47 -5.22
CA GLY A 82 -0.46 20.84 -4.77
C GLY A 82 0.85 20.99 -4.00
N LYS A 83 0.89 21.98 -3.09
CA LYS A 83 2.07 22.28 -2.30
C LYS A 83 2.22 21.23 -1.21
N LEU A 84 3.37 20.55 -1.16
CA LEU A 84 3.66 19.52 -0.16
C LEU A 84 4.35 20.07 1.09
N ALA A 85 5.22 21.07 0.93
CA ALA A 85 6.05 21.59 2.00
C ALA A 85 6.49 23.00 1.62
N ASN A 86 7.09 23.69 2.61
CA ASN A 86 7.76 24.98 2.44
C ASN A 86 9.20 24.86 1.91
N TYR A 87 9.62 23.68 1.43
CA TYR A 87 10.90 23.40 0.81
C TYR A 87 10.60 23.03 -0.62
N GLN A 88 11.51 23.40 -1.53
CA GLN A 88 11.36 23.10 -2.94
C GLN A 88 11.49 21.60 -3.20
N ALA A 89 10.61 21.04 -4.05
CA ALA A 89 10.68 19.64 -4.45
C ALA A 89 11.62 19.54 -5.65
N TYR A 90 12.63 18.64 -5.55
CA TYR A 90 13.56 18.37 -6.64
C TYR A 90 13.17 17.06 -7.29
N GLU A 91 13.44 15.93 -6.59
CA GLU A 91 13.18 14.61 -7.15
C GLU A 91 12.31 13.80 -6.21
N PHE A 92 11.61 12.82 -6.81
CA PHE A 92 10.95 11.74 -6.13
C PHE A 92 11.86 10.51 -6.19
N ILE A 93 12.04 9.86 -5.04
CA ILE A 93 12.76 8.58 -4.95
C ILE A 93 11.81 7.59 -4.31
N GLY A 94 11.57 6.45 -4.96
CA GLY A 94 10.75 5.40 -4.38
C GLY A 94 11.45 4.66 -3.24
N LEU A 95 10.76 4.38 -2.13
CA LEU A 95 11.28 3.51 -1.07
C LEU A 95 10.65 2.13 -1.18
N ASN A 96 9.31 2.08 -1.17
CA ASN A 96 8.56 0.82 -1.25
C ASN A 96 7.18 1.12 -1.85
N ASP A 97 6.23 0.19 -1.69
CA ASP A 97 4.81 0.40 -2.03
C ASP A 97 4.13 1.54 -1.29
N ASP A 98 4.57 1.88 -0.06
CA ASP A 98 3.91 2.78 0.86
C ASP A 98 4.53 4.18 0.90
N TYR A 99 5.86 4.32 0.67
CA TYR A 99 6.60 5.55 0.91
C TYR A 99 7.57 5.88 -0.21
N GLY A 100 7.76 7.20 -0.43
CA GLY A 100 8.81 7.75 -1.21
C GLY A 100 9.50 8.86 -0.44
N ILE A 101 10.50 9.44 -1.10
CA ILE A 101 11.28 10.57 -0.63
C ILE A 101 11.13 11.70 -1.64
N ILE A 102 11.01 12.93 -1.15
CA ILE A 102 11.14 14.15 -1.93
C ILE A 102 12.43 14.82 -1.48
N THR A 103 13.33 15.10 -2.43
CA THR A 103 14.55 15.82 -2.15
C THR A 103 14.28 17.32 -2.32
N HIS A 104 15.15 18.12 -1.68
CA HIS A 104 14.98 19.56 -1.54
C HIS A 104 16.32 20.30 -1.62
N GLY A 105 16.24 21.65 -1.75
CA GLY A 105 17.36 22.57 -1.54
C GLY A 105 17.93 22.59 -0.12
N GLY A 106 17.27 21.96 0.85
CA GLY A 106 17.74 21.77 2.20
C GLY A 106 16.73 20.83 2.86
N TYR A 107 17.26 19.80 3.54
CA TYR A 107 16.51 18.67 4.08
C TYR A 107 16.04 17.75 2.93
N PHE A 108 15.28 16.73 3.31
CA PHE A 108 14.48 15.88 2.46
C PHE A 108 13.23 15.48 3.24
N SER A 109 12.22 14.98 2.51
CA SER A 109 10.92 14.62 3.10
C SER A 109 10.57 13.18 2.78
N ARG A 110 9.90 12.50 3.72
CA ARG A 110 9.20 11.26 3.43
C ARG A 110 7.78 11.62 3.00
N ILE A 111 7.30 10.96 1.93
CA ILE A 111 5.93 11.13 1.44
C ILE A 111 5.24 9.76 1.50
N ASN A 112 4.02 9.74 2.05
CA ASN A 112 3.14 8.56 2.03
C ASN A 112 2.53 8.51 0.62
N LEU A 113 2.67 7.38 -0.09
CA LEU A 113 2.15 7.24 -1.45
C LEU A 113 0.64 7.04 -1.57
N LYS A 114 -0.10 6.81 -0.47
CA LYS A 114 -1.55 6.73 -0.43
C LYS A 114 -2.17 8.06 -0.03
N THR A 115 -1.63 8.71 1.03
CA THR A 115 -2.24 9.90 1.65
C THR A 115 -1.58 11.20 1.16
N PHE A 116 -0.31 11.16 0.69
CA PHE A 116 0.52 12.32 0.37
C PHE A 116 0.93 13.13 1.60
N GLU A 117 0.86 12.57 2.83
CA GLU A 117 1.38 13.16 4.05
C GLU A 117 2.91 13.28 3.87
N THR A 118 3.45 14.51 4.06
CA THR A 118 4.83 14.83 3.76
C THR A 118 5.49 15.28 5.05
N ILE A 119 6.51 14.55 5.53
CA ILE A 119 7.19 14.77 6.80
C ILE A 119 8.62 15.18 6.41
N THR A 120 9.02 16.44 6.72
CA THR A 120 10.38 16.89 6.38
C THR A 120 11.29 16.55 7.55
N LEU A 121 12.41 15.85 7.27
CA LEU A 121 13.35 15.42 8.29
C LEU A 121 14.39 16.53 8.45
N VAL A 122 14.35 17.25 9.57
CA VAL A 122 15.14 18.46 9.81
C VAL A 122 16.43 18.18 10.57
N SER A 123 16.70 16.95 11.07
CA SER A 123 17.84 16.65 11.93
C SER A 123 18.52 15.34 11.53
N VAL A 124 18.73 15.14 10.21
CA VAL A 124 19.42 13.97 9.67
C VAL A 124 20.75 14.49 9.14
N GLY A 125 21.81 14.42 9.98
CA GLY A 125 23.17 14.81 9.60
C GLY A 125 23.21 16.24 9.03
N ASN A 126 23.92 16.42 7.89
CA ASN A 126 24.06 17.69 7.19
C ASN A 126 23.21 17.70 5.92
N THR A 127 22.05 16.99 5.87
CA THR A 127 21.13 17.08 4.72
C THR A 127 20.46 18.44 4.61
N TYR A 128 20.56 19.35 5.63
CA TYR A 128 20.27 20.78 5.50
C TYR A 128 20.96 21.45 4.31
N THR A 129 22.12 20.93 3.83
CA THR A 129 22.81 21.49 2.67
C THR A 129 22.05 21.30 1.34
N GLY A 130 21.12 20.34 1.26
CA GLY A 130 20.40 20.01 0.06
C GLY A 130 20.59 18.53 -0.27
N THR A 131 19.60 18.01 -0.98
CA THR A 131 19.58 16.62 -1.45
C THR A 131 19.19 16.64 -2.91
N GLY A 132 19.75 15.72 -3.70
CA GLY A 132 19.60 15.72 -5.14
C GLY A 132 18.81 14.50 -5.58
N SER A 133 19.54 13.48 -6.07
CA SER A 133 18.96 12.20 -6.44
C SER A 133 19.25 11.16 -5.36
N GLY A 134 18.85 9.94 -5.65
CA GLY A 134 19.00 8.84 -4.74
C GLY A 134 18.31 7.60 -5.28
N ILE A 135 18.41 6.50 -4.53
CA ILE A 135 17.80 5.23 -4.93
C ILE A 135 17.66 4.34 -3.70
N ALA A 136 16.60 3.51 -3.72
CA ALA A 136 16.38 2.45 -2.75
C ALA A 136 17.15 1.24 -3.23
N TYR A 137 17.97 0.64 -2.34
CA TYR A 137 18.82 -0.48 -2.69
C TYR A 137 19.15 -1.31 -1.46
N ASN A 138 18.87 -2.62 -1.49
CA ASN A 138 19.16 -3.59 -0.44
C ASN A 138 18.76 -3.11 0.96
N GLY A 139 17.54 -2.56 1.09
CA GLY A 139 17.01 -2.08 2.36
C GLY A 139 17.48 -0.69 2.81
N LYS A 140 18.27 0.05 1.99
CA LYS A 140 18.78 1.37 2.30
C LYS A 140 18.35 2.38 1.23
N LEU A 141 18.08 3.61 1.68
CA LEU A 141 18.07 4.79 0.81
C LEU A 141 19.52 5.20 0.65
N ILE A 142 20.00 5.31 -0.60
CA ILE A 142 21.28 5.89 -0.95
C ILE A 142 20.92 7.31 -1.37
N LEU A 143 21.52 8.35 -0.76
CA LEU A 143 21.07 9.73 -0.90
C LEU A 143 22.24 10.63 -1.32
N ASN A 144 22.06 11.36 -2.43
CA ASN A 144 22.95 12.40 -2.90
C ASN A 144 22.76 13.65 -2.02
N VAL A 145 23.74 13.98 -1.18
CA VAL A 145 23.71 15.13 -0.30
C VAL A 145 24.64 16.18 -0.94
N ASN A 146 24.37 17.46 -0.69
CA ASN A 146 25.14 18.56 -1.25
C ASN A 146 26.46 18.69 -0.47
N SER A 147 27.53 18.06 -1.03
CA SER A 147 28.87 18.14 -0.46
C SER A 147 29.51 19.53 -0.53
N SER A 148 29.02 20.46 -1.38
CA SER A 148 29.50 21.84 -1.43
C SER A 148 29.08 22.67 -0.21
N GLY A 149 28.05 22.27 0.55
CA GLY A 149 27.60 22.98 1.74
C GLY A 149 28.45 22.68 2.98
N TRP A 150 28.05 23.29 4.10
CA TRP A 150 28.77 23.23 5.36
C TRP A 150 28.89 21.79 5.87
N GLY A 151 30.13 21.40 6.29
CA GLY A 151 30.45 20.06 6.73
C GLY A 151 30.72 19.04 5.62
N SER A 152 30.64 19.40 4.32
CA SER A 152 30.99 18.56 3.18
C SER A 152 30.35 17.17 3.24
N PRO A 153 29.00 17.04 3.46
CA PRO A 153 28.38 15.72 3.61
C PRO A 153 28.52 14.89 2.35
N LYS A 154 28.99 13.64 2.52
CA LYS A 154 29.10 12.67 1.44
C LYS A 154 27.77 11.95 1.28
N VAL A 155 27.70 11.00 0.33
CA VAL A 155 26.49 10.20 0.11
C VAL A 155 26.09 9.53 1.42
N TYR A 156 24.79 9.62 1.78
CA TYR A 156 24.23 8.98 2.96
C TYR A 156 23.57 7.67 2.55
N THR A 157 23.66 6.68 3.47
CA THR A 157 22.79 5.52 3.47
C THR A 157 21.91 5.59 4.73
N ILE A 158 20.62 5.35 4.58
CA ILE A 158 19.62 5.37 5.64
C ILE A 158 18.81 4.09 5.53
N ASP A 159 18.53 3.43 6.67
CA ASP A 159 17.70 2.23 6.70
C ASP A 159 16.26 2.59 6.32
N ILE A 160 15.69 1.88 5.32
CA ILE A 160 14.33 2.13 4.83
C ILE A 160 13.30 1.84 5.93
N ALA A 161 13.42 0.69 6.63
CA ALA A 161 12.50 0.31 7.71
C ALA A 161 12.40 1.39 8.80
N GLU A 162 13.55 1.97 9.20
CA GLU A 162 13.62 3.09 10.14
C GLU A 162 12.93 4.35 9.60
N LEU A 163 13.23 4.72 8.35
CA LEU A 163 12.56 5.82 7.66
C LEU A 163 11.05 5.65 7.57
N CYS A 164 10.58 4.41 7.33
CA CYS A 164 9.17 4.09 7.16
C CYS A 164 8.42 3.82 8.47
N SER A 165 9.01 4.09 9.66
CA SER A 165 8.32 3.98 10.95
C SER A 165 7.01 4.79 10.92
N PRO A 166 5.83 4.21 11.27
CA PRO A 166 4.60 5.01 11.38
C PRO A 166 4.63 6.16 12.40
N ASP A 167 5.54 6.11 13.40
CA ASP A 167 5.72 7.13 14.43
C ASP A 167 6.73 8.22 14.05
N LEU A 168 7.27 8.26 12.79
CA LEU A 168 8.28 9.22 12.35
C LEU A 168 7.77 10.65 12.58
N LYS A 169 8.62 11.46 13.21
CA LYS A 169 8.39 12.88 13.43
C LYS A 169 9.51 13.67 12.75
N PRO A 170 9.27 14.94 12.33
CA PRO A 170 10.30 15.75 11.66
C PRO A 170 11.67 15.89 12.34
N THR A 171 11.69 15.90 13.69
CA THR A 171 12.89 16.06 14.51
C THR A 171 13.61 14.76 14.86
N ASP A 172 13.15 13.56 14.41
CA ASP A 172 13.80 12.30 14.71
C ASP A 172 15.18 12.23 14.04
N LYS A 173 16.20 11.88 14.85
CA LYS A 173 17.59 11.81 14.43
C LYS A 173 17.75 10.40 13.86
N VAL A 174 17.22 10.21 12.64
CA VAL A 174 17.23 8.94 11.94
C VAL A 174 18.71 8.65 11.65
N ALA A 175 19.14 7.42 12.00
CA ALA A 175 20.53 6.99 11.82
C ALA A 175 20.91 7.02 10.33
N PHE A 176 22.13 7.45 10.03
CA PHE A 176 22.70 7.38 8.69
C PHE A 176 24.16 6.91 8.79
N GLN A 177 24.68 6.45 7.66
CA GLN A 177 26.11 6.25 7.45
C GLN A 177 26.51 7.06 6.24
N GLU A 178 27.76 7.53 6.20
CA GLU A 178 28.35 8.17 5.03
C GLU A 178 29.08 7.10 4.24
N LEU A 179 28.84 7.03 2.93
CA LEU A 179 29.76 6.37 1.99
C LEU A 179 30.87 7.35 1.63
N ASP A 180 32.03 6.84 1.19
CA ASP A 180 33.14 7.66 0.67
C ASP A 180 32.89 8.06 -0.80
N ILE A 181 31.84 8.87 -1.02
CA ILE A 181 31.38 9.38 -2.30
C ILE A 181 31.05 10.86 -2.04
N ALA A 182 31.99 11.76 -2.37
CA ALA A 182 31.71 13.20 -2.40
C ALA A 182 30.84 13.51 -3.62
N THR A 183 29.79 14.32 -3.44
CA THR A 183 28.95 14.78 -4.54
C THR A 183 28.84 16.30 -4.39
N TYR A 184 29.84 17.03 -4.92
CA TYR A 184 29.81 18.50 -4.94
C TYR A 184 28.63 19.12 -5.71
N GLY A 185 28.00 18.35 -6.59
CA GLY A 185 26.77 18.66 -7.28
C GLY A 185 25.82 17.48 -7.32
N GLY A 186 24.79 17.60 -8.16
CA GLY A 186 23.82 16.54 -8.34
C GLY A 186 24.44 15.36 -9.07
N THR A 187 24.11 14.14 -8.63
CA THR A 187 24.50 12.91 -9.30
C THR A 187 23.25 12.07 -9.52
N ARG A 188 23.45 10.95 -10.23
CA ARG A 188 22.41 9.99 -10.53
C ARG A 188 22.91 8.58 -10.24
N PHE A 189 21.96 7.65 -10.16
CA PHE A 189 22.17 6.28 -9.70
C PHE A 189 21.63 5.34 -10.78
N VAL A 190 22.45 4.38 -11.24
CA VAL A 190 22.04 3.37 -12.22
C VAL A 190 22.18 2.00 -11.55
N GLN A 191 21.10 1.18 -11.58
CA GLN A 191 21.15 -0.21 -11.17
C GLN A 191 21.46 -1.04 -12.42
N CYS A 192 22.41 -1.98 -12.28
CA CYS A 192 22.80 -2.91 -13.34
C CYS A 192 22.39 -4.33 -12.96
N LYS A 193 22.40 -5.21 -13.99
CA LYS A 193 22.03 -6.63 -13.88
C LYS A 193 23.00 -7.45 -13.02
N ASP A 194 24.21 -6.95 -12.74
CA ASP A 194 25.07 -7.46 -11.67
C ASP A 194 24.50 -7.34 -10.24
N GLY A 195 23.40 -6.58 -10.02
CA GLY A 195 22.83 -6.31 -8.72
C GLY A 195 23.58 -5.23 -7.93
N ASN A 196 24.35 -4.35 -8.61
CA ASN A 196 25.10 -3.25 -8.02
C ASN A 196 24.52 -1.93 -8.53
N ILE A 197 24.89 -0.84 -7.83
CA ILE A 197 24.49 0.52 -8.13
C ILE A 197 25.75 1.23 -8.65
N TYR A 198 25.56 2.09 -9.67
CA TYR A 198 26.64 2.91 -10.25
C TYR A 198 26.25 4.37 -10.06
N THR A 199 27.21 5.20 -9.62
CA THR A 199 27.02 6.64 -9.50
C THR A 199 28.35 7.35 -9.80
N VAL A 200 28.31 8.68 -9.73
CA VAL A 200 29.43 9.55 -10.05
C VAL A 200 29.75 10.35 -8.79
N GLU A 201 30.99 10.13 -8.27
CA GLU A 201 31.63 11.04 -7.34
C GLU A 201 32.14 12.26 -8.08
N THR A 202 31.93 13.47 -7.52
CA THR A 202 32.69 14.68 -7.86
C THR A 202 33.26 15.24 -6.56
N THR A 203 34.61 15.29 -6.44
CA THR A 203 35.30 15.70 -5.22
C THR A 203 35.38 17.23 -5.17
N LYS A 204 35.87 17.74 -4.02
CA LYS A 204 36.16 19.15 -3.77
C LYS A 204 37.07 19.79 -4.85
N ASP A 205 38.09 19.04 -5.31
CA ASP A 205 39.00 19.46 -6.37
C ASP A 205 38.49 19.20 -7.80
N GLY A 206 37.23 18.75 -8.01
CA GLY A 206 36.63 18.58 -9.33
C GLY A 206 37.00 17.29 -10.05
N LYS A 207 37.63 16.29 -9.39
CA LYS A 207 37.88 14.96 -9.95
C LYS A 207 36.56 14.18 -9.95
N ASN A 208 36.33 13.41 -11.03
CA ASN A 208 35.10 12.66 -11.26
C ASN A 208 35.46 11.18 -11.23
N ASN A 209 34.82 10.38 -10.35
CA ASN A 209 34.97 8.94 -10.30
C ASN A 209 33.63 8.26 -10.60
N LEU A 210 33.65 7.23 -11.48
CA LEU A 210 32.56 6.25 -11.56
C LEU A 210 32.70 5.29 -10.36
N VAL A 211 31.63 5.12 -9.57
CA VAL A 211 31.64 4.40 -8.30
C VAL A 211 30.66 3.24 -8.45
N ARG A 212 31.11 2.00 -8.19
CA ARG A 212 30.27 0.84 -8.02
C ARG A 212 30.01 0.71 -6.52
N ILE A 213 28.74 0.65 -6.13
CA ILE A 213 28.30 0.35 -4.77
C ILE A 213 27.84 -1.12 -4.83
N ASN A 214 28.47 -1.97 -3.99
CA ASN A 214 28.17 -3.39 -3.89
C ASN A 214 26.97 -3.60 -2.99
N ALA A 215 26.46 -4.86 -2.94
CA ALA A 215 25.38 -5.25 -2.02
C ALA A 215 25.73 -5.15 -0.53
N ASP A 216 27.02 -5.24 -0.21
CA ASP A 216 27.64 -4.93 1.09
C ASP A 216 27.82 -3.42 1.35
N PHE A 217 27.53 -2.50 0.40
CA PHE A 217 27.85 -1.07 0.42
C PHE A 217 29.36 -0.78 0.43
N SER A 218 30.25 -1.73 0.06
CA SER A 218 31.64 -1.44 -0.24
C SER A 218 31.69 -0.83 -1.64
N LEU A 219 32.76 -0.08 -1.92
CA LEU A 219 32.94 0.77 -3.09
C LEU A 219 34.07 0.22 -3.95
N LYS A 220 33.96 0.44 -5.26
CA LYS A 220 35.07 0.37 -6.18
C LYS A 220 34.98 1.59 -7.09
N LYS A 221 36.11 2.31 -7.26
CA LYS A 221 36.16 3.57 -7.99
C LYS A 221 37.12 3.46 -9.16
N VAL A 222 36.75 4.08 -10.30
CA VAL A 222 37.63 4.29 -11.45
C VAL A 222 37.41 5.73 -11.94
N ALA A 223 38.47 6.34 -12.49
CA ALA A 223 38.44 7.76 -12.87
C ALA A 223 37.61 7.94 -14.16
N MET A 224 36.65 8.87 -14.13
CA MET A 224 35.98 9.39 -15.32
C MET A 224 36.81 10.55 -15.87
N ARG A 225 36.37 11.08 -17.03
CA ARG A 225 36.95 12.26 -17.62
C ARG A 225 36.90 13.46 -16.66
N ASP A 226 37.99 14.24 -16.58
CA ASP A 226 38.02 15.45 -15.74
C ASP A 226 37.02 16.53 -16.17
N ASP A 227 36.68 16.62 -17.47
CA ASP A 227 35.73 17.59 -18.00
C ASP A 227 34.25 17.20 -17.83
N TYR A 228 33.90 16.06 -17.18
CA TYR A 228 32.56 15.81 -16.67
C TYR A 228 32.25 16.88 -15.61
N SER A 229 31.02 17.44 -15.66
CA SER A 229 30.49 18.32 -14.63
C SER A 229 29.23 17.66 -14.08
N PRO A 230 29.03 17.64 -12.72
CA PRO A 230 27.71 17.36 -12.16
C PRO A 230 26.75 18.52 -12.44
N SER A 231 25.46 18.32 -12.17
CA SER A 231 24.54 19.46 -12.02
C SER A 231 24.90 20.27 -10.77
N SER A 232 24.52 21.56 -10.73
CA SER A 232 24.82 22.47 -9.64
C SER A 232 23.61 22.48 -8.70
N PHE A 233 23.87 22.34 -7.38
CA PHE A 233 22.88 22.68 -6.36
C PHE A 233 22.47 24.16 -6.36
N GLY A 234 23.25 25.07 -7.00
CA GLY A 234 22.86 26.45 -7.24
C GLY A 234 21.56 26.63 -8.00
N ALA A 235 21.26 25.75 -8.95
CA ALA A 235 19.96 25.65 -9.60
C ALA A 235 19.79 24.20 -10.00
N TYR A 236 19.24 23.40 -9.07
CA TYR A 236 19.26 21.94 -9.17
C TYR A 236 18.60 21.46 -10.45
N ARG A 237 19.31 20.61 -11.21
CA ARG A 237 18.76 19.82 -12.29
C ARG A 237 19.28 18.41 -12.14
N GLU A 238 18.61 17.45 -12.78
CA GLU A 238 19.15 16.11 -12.91
C GLU A 238 20.49 16.14 -13.68
N ALA A 239 21.51 15.44 -13.16
CA ALA A 239 22.81 15.31 -13.83
C ALA A 239 22.68 14.51 -15.12
N SER A 240 23.67 14.64 -16.01
CA SER A 240 23.68 13.97 -17.31
C SER A 240 23.96 12.48 -17.22
N PHE A 241 24.63 12.01 -16.13
CA PHE A 241 24.97 10.61 -15.92
C PHE A 241 23.72 9.72 -15.98
N CYS A 242 23.76 8.71 -16.84
CA CYS A 242 22.71 7.72 -16.99
C CYS A 242 23.33 6.45 -17.52
N GLY A 243 22.48 5.41 -17.64
CA GLY A 243 23.00 4.15 -18.12
C GLY A 243 21.95 3.06 -18.25
N THR A 244 22.40 1.92 -18.77
CA THR A 244 21.55 0.76 -19.05
C THR A 244 21.77 -0.29 -17.95
N PRO A 245 20.82 -1.25 -17.77
CA PRO A 245 21.07 -2.47 -16.97
C PRO A 245 22.31 -3.32 -17.34
N GLU A 246 22.75 -3.27 -18.63
CA GLU A 246 23.90 -3.99 -19.15
C GLU A 246 25.23 -3.35 -18.72
N GLY A 247 25.27 -2.17 -18.08
CA GLY A 247 26.50 -1.49 -17.66
C GLY A 247 27.12 -0.61 -18.73
N ILE A 248 26.32 -0.08 -19.69
CA ILE A 248 26.75 0.97 -20.61
C ILE A 248 26.24 2.27 -19.98
N PHE A 249 27.18 3.21 -19.70
CA PHE A 249 26.91 4.50 -19.10
C PHE A 249 27.11 5.58 -20.16
N TYR A 250 26.40 6.70 -19.96
CA TYR A 250 26.49 7.87 -20.81
C TYR A 250 26.61 9.11 -19.93
N TYR A 251 27.45 10.06 -20.38
CA TYR A 251 27.55 11.35 -19.74
C TYR A 251 28.04 12.42 -20.71
N ILE A 252 27.73 13.68 -20.35
CA ILE A 252 28.22 14.86 -21.04
C ILE A 252 29.52 15.29 -20.35
N ALA A 253 30.57 15.58 -21.14
CA ALA A 253 31.85 16.04 -20.63
C ALA A 253 32.46 17.00 -21.65
N GLY A 254 32.85 18.22 -21.23
CA GLY A 254 33.33 19.25 -22.15
C GLY A 254 32.37 19.56 -23.31
N GLY A 255 31.03 19.54 -23.03
CA GLY A 255 29.99 19.75 -24.04
C GLY A 255 29.83 18.65 -25.11
N LYS A 256 30.30 17.41 -24.88
CA LYS A 256 30.23 16.29 -25.81
C LYS A 256 29.68 15.06 -25.10
N ILE A 257 29.08 14.13 -25.87
CA ILE A 257 28.45 12.92 -25.36
C ILE A 257 29.52 11.82 -25.39
N TYR A 258 29.68 11.11 -24.25
CA TYR A 258 30.54 9.93 -24.13
C TYR A 258 29.69 8.72 -23.78
N LYS A 259 30.01 7.57 -24.41
CA LYS A 259 29.60 6.24 -23.99
C LYS A 259 30.76 5.65 -23.20
N ALA A 260 30.49 5.13 -22.00
CA ALA A 260 31.49 4.59 -21.08
C ALA A 260 31.00 3.28 -20.45
N THR A 261 31.95 2.49 -19.94
CA THR A 261 31.70 1.31 -19.11
C THR A 261 32.59 1.42 -17.86
N PHE A 262 32.41 0.47 -16.93
CA PHE A 262 33.29 0.38 -15.75
C PHE A 262 34.74 0.04 -16.13
N ASP A 263 34.94 -0.76 -17.18
CA ASP A 263 36.27 -1.02 -17.76
C ASP A 263 36.83 0.12 -18.62
N ASN A 264 35.98 0.98 -19.24
CA ASN A 264 36.41 2.13 -20.05
C ASN A 264 35.69 3.39 -19.56
N PRO A 265 35.96 3.86 -18.31
CA PRO A 265 35.22 4.97 -17.70
C PRO A 265 35.53 6.37 -18.22
N ALA A 266 36.75 6.60 -18.78
CA ALA A 266 37.22 7.89 -19.26
C ALA A 266 37.57 7.75 -20.74
N PRO A 267 36.58 7.49 -21.66
CA PRO A 267 36.86 7.37 -23.10
C PRO A 267 37.42 8.66 -23.72
N GLU A 268 38.48 8.55 -24.54
CA GLU A 268 38.94 9.64 -25.42
C GLU A 268 37.98 9.86 -26.59
N GLU A 269 37.43 8.77 -27.16
CA GLU A 269 36.46 8.77 -28.25
C GLU A 269 35.08 9.24 -27.73
N THR A 270 34.44 10.19 -28.42
CA THR A 270 33.03 10.56 -28.21
C THR A 270 32.11 9.47 -28.76
N LEU A 271 30.86 9.42 -28.27
CA LEU A 271 29.77 8.70 -28.93
C LEU A 271 29.46 9.36 -30.28
N THR A 272 29.32 10.69 -30.30
CA THR A 272 29.02 11.48 -31.49
C THR A 272 29.73 12.84 -31.39
N GLU A 273 30.08 13.41 -32.54
CA GLU A 273 30.52 14.80 -32.72
C GLU A 273 29.38 15.72 -33.19
N TYR A 274 28.08 15.34 -33.08
CA TYR A 274 26.93 16.15 -33.47
C TYR A 274 26.99 17.54 -32.79
N THR A 275 26.82 18.60 -33.60
CA THR A 275 26.46 19.95 -33.17
C THR A 275 25.38 20.50 -34.11
N LYS A 276 24.58 21.44 -33.58
CA LYS A 276 23.86 22.44 -34.34
C LYS A 276 24.29 23.79 -33.79
N GLU A 277 24.53 24.75 -34.70
CA GLU A 277 25.30 25.95 -34.41
C GLU A 277 24.45 26.85 -33.49
N GLY A 278 25.01 27.28 -32.34
CA GLY A 278 24.29 28.03 -31.32
C GLY A 278 23.29 27.27 -30.44
N TYR A 279 23.19 25.92 -30.50
CA TYR A 279 22.45 25.07 -29.57
C TYR A 279 23.44 24.45 -28.60
N GLY A 280 23.15 24.54 -27.29
CA GLY A 280 23.93 23.92 -26.22
C GLY A 280 23.01 23.04 -25.38
N PHE A 281 23.61 22.08 -24.65
CA PHE A 281 22.85 21.20 -23.77
C PHE A 281 22.12 21.99 -22.68
N TYR A 282 20.89 21.55 -22.35
CA TYR A 282 20.11 22.09 -21.23
C TYR A 282 19.45 20.96 -20.48
N GLY A 283 19.08 21.21 -19.22
CA GLY A 283 18.40 20.21 -18.41
C GLY A 283 19.36 19.08 -18.08
N ALA A 284 18.81 17.85 -18.10
CA ALA A 284 19.58 16.63 -17.98
C ALA A 284 20.54 16.43 -19.14
N GLY A 285 20.25 16.99 -20.33
CA GLY A 285 21.15 16.97 -21.45
C GLY A 285 20.95 15.68 -22.25
N ILE A 286 21.12 14.50 -21.62
CA ILE A 286 20.92 13.20 -22.26
C ILE A 286 20.16 12.22 -21.36
N ARG A 287 19.41 11.31 -21.99
CA ARG A 287 18.94 10.07 -21.38
C ARG A 287 18.97 8.92 -22.38
N VAL A 288 19.25 7.71 -21.85
CA VAL A 288 19.29 6.48 -22.65
C VAL A 288 18.00 5.72 -22.38
N ASN A 289 17.39 5.17 -23.46
CA ASN A 289 16.31 4.19 -23.39
C ASN A 289 16.96 2.82 -23.60
N PRO A 290 17.19 1.99 -22.54
CA PRO A 290 17.73 0.64 -22.70
C PRO A 290 16.90 -0.31 -23.56
N LYS A 291 15.56 -0.17 -23.54
CA LYS A 291 14.65 -1.02 -24.29
C LYS A 291 14.76 -0.85 -25.82
N THR A 292 15.10 0.36 -26.34
CA THR A 292 15.18 0.68 -27.77
C THR A 292 16.62 0.94 -28.27
N ASN A 293 17.69 0.95 -27.43
CA ASN A 293 19.05 1.31 -27.86
C ASN A 293 19.08 2.75 -28.44
N GLU A 294 18.38 3.69 -27.78
CA GLU A 294 18.24 5.08 -28.22
C GLU A 294 18.78 6.00 -27.13
N LEU A 295 19.61 6.99 -27.51
CA LEU A 295 20.03 8.08 -26.63
C LEU A 295 19.34 9.33 -27.14
N LEU A 296 18.62 10.02 -26.23
CA LEU A 296 17.99 11.29 -26.51
C LEU A 296 18.77 12.45 -25.90
N ALA A 297 18.89 13.56 -26.63
CA ALA A 297 19.68 14.72 -26.28
C ALA A 297 18.79 15.96 -26.40
N MET A 298 18.89 16.88 -25.43
CA MET A 298 18.07 18.10 -25.37
C MET A 298 19.00 19.31 -25.37
N TYR A 299 18.68 20.28 -26.24
CA TYR A 299 19.45 21.50 -26.44
C TYR A 299 18.50 22.68 -26.56
N LEU A 300 19.04 23.88 -26.29
CA LEU A 300 18.39 25.12 -26.67
C LEU A 300 19.43 26.19 -27.00
N THR A 301 18.93 27.28 -27.59
CA THR A 301 19.74 28.46 -27.94
C THR A 301 20.06 29.30 -26.71
N GLY A 302 21.03 30.23 -26.87
CA GLY A 302 21.53 31.10 -25.80
C GLY A 302 20.49 32.03 -25.17
N ASP A 303 19.45 32.43 -25.93
CA ASP A 303 18.28 33.17 -25.45
C ASP A 303 17.10 32.30 -24.99
N TYR A 304 17.20 30.95 -25.06
CA TYR A 304 16.22 29.99 -24.56
C TYR A 304 14.91 29.94 -25.38
N GLN A 305 14.84 30.56 -26.58
CA GLN A 305 13.62 30.69 -27.37
C GLN A 305 13.38 29.51 -28.32
N LYS A 306 14.43 28.75 -28.67
CA LYS A 306 14.42 27.67 -29.67
C LYS A 306 15.04 26.42 -29.04
N ASN A 307 14.38 25.27 -29.28
CA ASN A 307 14.64 23.99 -28.60
C ASN A 307 15.01 22.98 -29.69
N LEU A 308 15.82 21.95 -29.32
CA LEU A 308 16.24 20.88 -30.21
C LEU A 308 16.29 19.58 -29.41
N LEU A 309 15.59 18.54 -29.90
CA LEU A 309 15.71 17.17 -29.44
C LEU A 309 16.38 16.36 -30.54
N VAL A 310 17.40 15.55 -30.22
CA VAL A 310 18.09 14.67 -31.15
C VAL A 310 18.07 13.24 -30.57
N ARG A 311 17.73 12.27 -31.44
CA ARG A 311 17.66 10.85 -31.12
C ARG A 311 18.81 10.17 -31.86
N PHE A 312 19.74 9.56 -31.09
CA PHE A 312 20.88 8.81 -31.58
C PHE A 312 20.64 7.32 -31.35
N ASN A 313 21.32 6.50 -32.18
CA ASN A 313 21.61 5.11 -31.84
C ASN A 313 22.58 5.12 -30.65
N ALA A 314 22.19 4.50 -29.53
CA ALA A 314 22.99 4.49 -28.31
C ALA A 314 24.25 3.62 -28.39
N ALA A 315 24.34 2.64 -29.31
CA ALA A 315 25.53 1.81 -29.53
C ALA A 315 26.53 2.52 -30.45
N THR A 316 26.09 2.93 -31.64
CA THR A 316 26.98 3.43 -32.70
C THR A 316 27.10 4.97 -32.69
N GLY A 317 26.13 5.72 -32.11
CA GLY A 317 26.14 7.18 -32.11
C GLY A 317 25.59 7.86 -33.37
N GLU A 318 25.11 7.13 -34.39
CA GLU A 318 24.55 7.74 -35.60
C GLU A 318 23.22 8.41 -35.23
N LYS A 319 22.96 9.60 -35.82
CA LYS A 319 21.72 10.32 -35.63
C LYS A 319 20.58 9.57 -36.32
N ILE A 320 19.48 9.30 -35.59
CA ILE A 320 18.28 8.66 -36.13
C ILE A 320 17.31 9.77 -36.58
N SER A 321 17.04 10.75 -35.71
CA SER A 321 16.17 11.87 -36.00
C SER A 321 16.50 13.08 -35.12
N GLU A 322 15.88 14.21 -35.49
CA GLU A 322 15.80 15.38 -34.64
C GLU A 322 14.50 16.14 -34.85
N ILE A 323 14.18 17.03 -33.88
CA ILE A 323 13.09 17.99 -34.00
C ILE A 323 13.49 19.32 -33.36
N ALA A 324 13.31 20.43 -34.12
CA ALA A 324 13.52 21.79 -33.70
C ALA A 324 12.14 22.43 -33.45
N TYR A 325 11.96 23.15 -32.33
CA TYR A 325 10.71 23.87 -32.06
C TYR A 325 10.97 25.10 -31.20
N ASP A 326 10.11 26.12 -31.39
CA ASP A 326 10.16 27.38 -30.65
C ASP A 326 9.36 27.27 -29.35
N GLY A 327 9.78 28.09 -28.37
CA GLY A 327 9.00 28.41 -27.17
C GLY A 327 9.88 28.35 -25.93
N TYR A 328 9.43 29.06 -24.87
CA TYR A 328 10.06 29.05 -23.55
C TYR A 328 9.57 27.81 -22.78
N TYR A 329 10.13 26.64 -23.14
CA TYR A 329 9.87 25.34 -22.51
C TYR A 329 10.91 25.03 -21.44
N PHE A 330 12.23 25.30 -21.65
CA PHE A 330 13.31 24.95 -20.73
C PHE A 330 13.28 23.45 -20.39
N PRO A 331 13.50 22.54 -21.38
CA PRO A 331 13.44 21.08 -21.13
C PRO A 331 14.30 20.62 -19.94
N ALA A 332 13.72 19.81 -19.03
CA ALA A 332 14.33 19.37 -17.78
C ALA A 332 14.94 17.97 -17.94
N THR A 333 14.14 17.01 -18.40
CA THR A 333 14.57 15.63 -18.55
C THR A 333 13.65 14.89 -19.53
N PHE A 334 14.09 13.66 -19.89
CA PHE A 334 13.34 12.72 -20.70
C PHE A 334 12.78 11.61 -19.80
N ILE A 335 11.59 11.09 -20.15
CA ILE A 335 11.02 9.88 -19.58
C ILE A 335 10.61 8.98 -20.76
N PHE A 336 10.99 7.69 -20.68
CA PHE A 336 10.58 6.64 -21.62
C PHE A 336 9.61 5.72 -20.90
N ASN A 337 8.47 5.38 -21.54
CA ASN A 337 7.54 4.35 -21.07
C ASN A 337 7.24 3.37 -22.21
N GLY B 1 -9.25 10.90 -16.56
CA GLY B 1 -9.23 12.32 -16.12
C GLY B 1 -10.50 12.68 -15.34
N HIS B 2 -10.39 13.55 -14.32
CA HIS B 2 -11.49 13.92 -13.42
C HIS B 2 -11.59 15.46 -13.33
N MET B 3 -12.81 16.00 -13.52
CA MET B 3 -13.07 17.44 -13.45
C MET B 3 -13.05 17.89 -11.99
N LYS B 4 -12.70 19.18 -11.74
CA LYS B 4 -12.74 19.83 -10.44
C LYS B 4 -14.18 19.87 -9.89
N GLY B 5 -14.33 19.59 -8.58
CA GLY B 5 -15.63 19.47 -7.98
C GLY B 5 -15.61 18.95 -6.56
N CYS B 6 -16.80 18.63 -6.02
CA CYS B 6 -16.93 17.99 -4.72
C CYS B 6 -17.97 16.86 -4.76
N LEU B 7 -17.75 15.88 -3.89
CA LEU B 7 -18.75 14.87 -3.58
C LEU B 7 -19.68 15.38 -2.49
N ILE B 8 -20.96 14.99 -2.59
CA ILE B 8 -21.95 15.22 -1.56
C ILE B 8 -22.43 13.83 -1.19
N ILE B 9 -22.24 13.44 0.07
CA ILE B 9 -22.82 12.22 0.62
C ILE B 9 -24.23 12.62 1.04
N ASN B 10 -25.23 11.87 0.59
CA ASN B 10 -26.65 12.14 0.81
C ASN B 10 -27.16 11.10 1.79
N GLU B 11 -27.91 11.52 2.82
CA GLU B 11 -28.67 10.61 3.69
C GLU B 11 -29.63 9.75 2.87
N GLY B 12 -30.28 10.37 1.87
CA GLY B 12 -31.35 9.75 1.14
C GLY B 12 -32.66 9.84 1.94
N TRP B 13 -33.71 9.45 1.23
CA TRP B 13 -35.07 9.68 1.64
C TRP B 13 -35.50 8.50 2.51
N PHE B 14 -35.45 8.72 3.85
CA PHE B 14 -35.76 7.66 4.80
C PHE B 14 -37.22 7.20 4.57
N GLY B 15 -37.41 5.88 4.49
CA GLY B 15 -38.69 5.26 4.16
C GLY B 15 -38.90 4.95 2.67
N HIS B 16 -38.00 5.38 1.77
CA HIS B 16 -38.22 5.39 0.31
C HIS B 16 -37.03 4.76 -0.41
N GLY B 17 -35.80 5.21 -0.11
CA GLY B 17 -34.60 4.62 -0.71
C GLY B 17 -33.32 4.90 0.07
N SER B 18 -32.21 4.58 -0.59
CA SER B 18 -30.89 4.55 0.03
C SER B 18 -30.32 5.98 0.05
N GLY B 19 -29.19 6.10 0.77
CA GLY B 19 -28.25 7.18 0.52
C GLY B 19 -27.58 7.04 -0.85
N SER B 20 -26.89 8.12 -1.23
CA SER B 20 -26.29 8.26 -2.55
C SER B 20 -25.14 9.25 -2.48
N ILE B 21 -24.40 9.32 -3.61
CA ILE B 21 -23.30 10.26 -3.77
C ILE B 21 -23.64 11.13 -4.98
N SER B 22 -23.73 12.46 -4.75
CA SER B 22 -23.81 13.45 -5.81
C SER B 22 -22.43 14.06 -6.08
N PHE B 23 -22.27 14.65 -7.27
CA PHE B 23 -21.03 15.30 -7.71
C PHE B 23 -21.41 16.68 -8.24
N TYR B 24 -20.88 17.74 -7.59
CA TYR B 24 -21.01 19.11 -8.02
C TYR B 24 -19.80 19.37 -8.91
N ASN B 25 -20.01 19.49 -10.23
CA ASN B 25 -18.99 19.79 -11.20
C ASN B 25 -18.88 21.33 -11.21
N TYR B 26 -17.72 21.88 -10.81
CA TYR B 26 -17.52 23.32 -10.72
C TYR B 26 -17.44 24.00 -12.08
N GLU B 27 -16.65 23.42 -13.01
CA GLU B 27 -16.48 23.92 -14.38
C GLU B 27 -17.82 24.02 -15.16
N LYS B 28 -18.66 22.97 -15.07
CA LYS B 28 -19.99 22.94 -15.68
C LYS B 28 -21.07 23.67 -14.85
N ASN B 29 -20.85 23.96 -13.55
CA ASN B 29 -21.84 24.37 -12.55
C ASN B 29 -23.08 23.46 -12.60
N SER B 30 -22.82 22.14 -12.54
CA SER B 30 -23.81 21.08 -12.71
C SER B 30 -23.73 20.12 -11.53
N ILE B 31 -24.85 19.43 -11.26
CA ILE B 31 -24.95 18.37 -10.26
C ILE B 31 -25.30 17.07 -11.00
N GLU B 32 -24.59 15.98 -10.67
CA GLU B 32 -24.85 14.62 -11.11
C GLU B 32 -25.18 13.81 -9.85
N HIS B 33 -26.23 12.96 -9.91
CA HIS B 33 -26.70 12.16 -8.76
C HIS B 33 -26.46 10.67 -9.04
N TRP B 34 -26.53 9.84 -7.98
CA TRP B 34 -26.41 8.39 -8.03
C TRP B 34 -25.06 7.95 -8.61
N CYS B 35 -24.00 8.71 -8.30
CA CYS B 35 -22.69 8.52 -8.93
C CYS B 35 -22.04 7.19 -8.54
N TYR B 36 -22.17 6.75 -7.26
CA TYR B 36 -21.72 5.45 -6.80
C TYR B 36 -22.49 4.34 -7.55
N LYS B 37 -23.83 4.45 -7.55
CA LYS B 37 -24.70 3.50 -8.22
C LYS B 37 -24.35 3.30 -9.70
N ASN B 38 -24.22 4.42 -10.41
CA ASN B 38 -23.93 4.41 -11.85
C ASN B 38 -22.52 3.90 -12.19
N GLN B 39 -21.55 4.03 -11.27
CA GLN B 39 -20.22 3.43 -11.38
C GLN B 39 -20.13 1.95 -10.99
N ASN B 40 -21.12 1.36 -10.26
CA ASN B 40 -21.04 0.03 -9.64
C ASN B 40 -22.25 -0.84 -10.02
N PHE B 41 -22.66 -0.79 -11.31
CA PHE B 41 -23.60 -1.74 -11.93
C PHE B 41 -24.97 -1.76 -11.20
N GLY B 42 -25.44 -0.61 -10.66
CA GLY B 42 -26.67 -0.50 -9.91
C GLY B 42 -26.59 -0.81 -8.41
N ASP B 43 -25.43 -1.17 -7.81
CA ASP B 43 -25.28 -1.33 -6.35
C ASP B 43 -25.51 0.01 -5.64
N VAL B 44 -26.06 -0.02 -4.43
CA VAL B 44 -26.40 1.17 -3.67
C VAL B 44 -25.72 1.12 -2.29
N LEU B 45 -25.63 2.33 -1.71
CA LEU B 45 -25.32 2.53 -0.29
C LEU B 45 -26.50 2.05 0.57
N GLY B 46 -26.33 2.12 1.88
CA GLY B 46 -27.36 1.76 2.83
C GLY B 46 -28.40 2.85 3.04
N VAL B 47 -29.14 2.70 4.15
CA VAL B 47 -30.19 3.61 4.57
C VAL B 47 -29.53 4.64 5.49
N THR B 48 -29.71 5.95 5.19
CA THR B 48 -29.17 7.06 5.96
C THR B 48 -27.63 7.05 5.90
N SER B 49 -27.08 7.44 4.73
CA SER B 49 -25.65 7.57 4.53
C SER B 49 -25.19 8.88 5.18
N GLN B 50 -24.62 8.81 6.40
CA GLN B 50 -24.43 9.98 7.24
C GLN B 50 -23.05 10.58 7.16
N SER B 51 -22.04 9.81 6.72
CA SER B 51 -20.66 10.21 6.93
C SER B 51 -19.77 9.44 5.97
N ALA B 52 -18.63 10.05 5.65
CA ALA B 52 -17.58 9.39 4.92
C ALA B 52 -16.23 9.87 5.40
N THR B 53 -15.19 9.07 5.11
CA THR B 53 -13.83 9.32 5.58
C THR B 53 -12.87 8.90 4.49
N LEU B 54 -11.87 9.76 4.20
CA LEU B 54 -10.73 9.37 3.40
C LEU B 54 -9.71 8.72 4.33
N TRP B 55 -9.23 7.51 4.01
CA TRP B 55 -8.27 6.82 4.84
C TRP B 55 -7.38 5.95 3.99
N ASN B 56 -6.06 6.17 4.06
CA ASN B 56 -5.04 5.43 3.36
C ASN B 56 -5.38 5.24 1.87
N GLY B 57 -5.81 6.32 1.21
CA GLY B 57 -6.13 6.37 -0.21
C GLY B 57 -7.50 5.82 -0.63
N LYS B 58 -8.38 5.41 0.31
CA LYS B 58 -9.69 4.84 0.01
C LYS B 58 -10.75 5.75 0.62
N LEU B 59 -11.97 5.74 0.05
CA LEU B 59 -13.12 6.45 0.59
C LEU B 59 -14.04 5.43 1.28
N TYR B 60 -14.28 5.63 2.59
CA TYR B 60 -15.15 4.80 3.42
C TYR B 60 -16.45 5.54 3.55
N VAL B 61 -17.58 4.98 3.07
CA VAL B 61 -18.88 5.65 3.13
C VAL B 61 -19.77 4.82 4.06
N CYS B 62 -20.21 5.43 5.16
CA CYS B 62 -21.05 4.79 6.17
C CYS B 62 -22.53 5.03 5.84
N SER B 63 -23.38 4.07 6.21
CA SER B 63 -24.82 4.21 6.30
C SER B 63 -25.30 3.62 7.61
N LYS B 64 -26.34 4.23 8.21
CA LYS B 64 -26.89 3.76 9.48
C LYS B 64 -27.37 2.32 9.41
N GLU B 65 -28.12 1.96 8.35
CA GLU B 65 -28.73 0.62 8.25
C GLU B 65 -28.44 -0.01 6.89
N ASP B 66 -28.66 -1.34 6.83
CA ASP B 66 -28.63 -2.11 5.59
C ASP B 66 -27.15 -2.28 5.21
N ASN B 67 -26.67 -1.53 4.20
CA ASN B 67 -25.32 -1.58 3.71
C ASN B 67 -24.52 -0.50 4.45
N GLN B 68 -23.93 -0.90 5.57
CA GLN B 68 -23.40 0.03 6.55
C GLN B 68 -22.05 0.63 6.18
N LEU B 69 -21.28 0.00 5.29
CA LEU B 69 -19.98 0.52 4.89
C LEU B 69 -19.69 0.07 3.47
N VAL B 70 -19.31 1.03 2.61
CA VAL B 70 -18.80 0.77 1.28
C VAL B 70 -17.42 1.44 1.20
N VAL B 71 -16.43 0.67 0.72
CA VAL B 71 -15.06 1.09 0.57
C VAL B 71 -14.87 1.25 -0.93
N MET B 72 -14.46 2.45 -1.38
CA MET B 72 -14.35 2.76 -2.78
C MET B 72 -13.11 3.61 -3.07
N ASP B 73 -12.77 3.65 -4.37
CA ASP B 73 -11.78 4.56 -4.91
C ASP B 73 -12.30 6.00 -4.81
N PRO B 74 -11.58 6.99 -4.21
CA PRO B 74 -12.08 8.37 -4.13
C PRO B 74 -12.39 9.07 -5.46
N LYS B 75 -11.65 8.77 -6.53
CA LYS B 75 -11.78 9.44 -7.85
C LYS B 75 -12.88 8.80 -8.72
N THR B 76 -12.85 7.47 -8.87
CA THR B 76 -13.77 6.73 -9.72
C THR B 76 -15.07 6.33 -9.00
N LEU B 77 -15.07 6.20 -7.65
CA LEU B 77 -16.14 5.59 -6.86
C LEU B 77 -16.32 4.08 -7.16
N TYR B 78 -15.32 3.37 -7.75
CA TYR B 78 -15.41 1.94 -8.00
C TYR B 78 -15.25 1.25 -6.64
N ALA B 79 -16.18 0.35 -6.30
CA ALA B 79 -16.22 -0.32 -5.00
C ALA B 79 -15.04 -1.29 -4.89
N GLU B 80 -14.27 -1.18 -3.80
CA GLU B 80 -13.38 -2.21 -3.31
C GLU B 80 -14.18 -3.28 -2.58
N ASN B 81 -15.04 -2.87 -1.62
CA ASN B 81 -15.86 -3.80 -0.81
C ASN B 81 -17.17 -3.13 -0.42
N SER B 82 -18.31 -3.77 -0.70
CA SER B 82 -19.63 -3.38 -0.26
C SER B 82 -20.00 -4.31 0.89
N CYS B 83 -19.93 -3.82 2.15
CA CYS B 83 -19.86 -4.67 3.33
C CYS B 83 -21.19 -5.25 3.78
N GLY B 84 -22.35 -4.63 3.48
CA GLY B 84 -23.63 -5.08 3.99
C GLY B 84 -23.78 -4.71 5.48
N LYS B 85 -24.54 -5.52 6.24
CA LYS B 85 -24.78 -5.30 7.65
C LYS B 85 -23.53 -5.75 8.42
N LEU B 86 -22.88 -4.82 9.14
CA LEU B 86 -21.67 -5.09 9.92
C LEU B 86 -21.94 -5.37 11.40
N ALA B 87 -22.94 -4.71 11.99
CA ALA B 87 -23.24 -4.79 13.41
C ALA B 87 -24.75 -4.68 13.62
N ASN B 88 -25.18 -5.03 14.85
CA ASN B 88 -26.54 -4.86 15.34
C ASN B 88 -26.86 -3.44 15.85
N TYR B 89 -25.99 -2.45 15.58
CA TYR B 89 -26.11 -1.06 15.96
C TYR B 89 -25.94 -0.27 14.66
N GLN B 90 -26.55 0.91 14.63
CA GLN B 90 -26.46 1.77 13.45
C GLN B 90 -25.05 2.33 13.28
N ALA B 91 -24.51 2.35 12.04
CA ALA B 91 -23.17 2.84 11.74
C ALA B 91 -23.25 4.35 11.48
N TYR B 92 -22.39 5.13 12.16
CA TYR B 92 -22.31 6.59 12.06
C TYR B 92 -21.13 6.95 11.22
N GLU B 93 -19.91 6.86 11.78
CA GLU B 93 -18.70 7.30 11.11
C GLU B 93 -17.67 6.18 11.07
N PHE B 94 -16.75 6.30 10.12
CA PHE B 94 -15.53 5.55 10.03
C PHE B 94 -14.40 6.43 10.57
N ILE B 95 -13.57 5.86 11.48
CA ILE B 95 -12.36 6.50 11.97
C ILE B 95 -11.22 5.54 11.67
N GLY B 96 -10.19 6.05 10.97
CA GLY B 96 -9.01 5.26 10.76
C GLY B 96 -8.14 5.07 12.00
N LEU B 97 -7.58 3.87 12.24
CA LEU B 97 -6.55 3.67 13.27
C LEU B 97 -5.17 3.59 12.65
N ASN B 98 -5.00 2.67 11.69
CA ASN B 98 -3.74 2.45 10.99
C ASN B 98 -4.09 1.87 9.61
N ASP B 99 -3.09 1.28 8.93
CA ASP B 99 -3.31 0.59 7.66
C ASP B 99 -4.19 -0.65 7.77
N ASP B 100 -4.27 -1.32 8.95
CA ASP B 100 -4.93 -2.60 9.16
C ASP B 100 -6.32 -2.50 9.78
N TYR B 101 -6.60 -1.46 10.59
CA TYR B 101 -7.83 -1.35 11.39
C TYR B 101 -8.43 0.04 11.32
N GLY B 102 -9.78 0.08 11.31
CA GLY B 102 -10.57 1.25 11.59
C GLY B 102 -11.60 0.96 12.67
N ILE B 103 -12.32 2.03 12.99
CA ILE B 103 -13.40 2.05 13.96
C ILE B 103 -14.66 2.50 13.22
N ILE B 104 -15.78 1.84 13.52
CA ILE B 104 -17.11 2.30 13.14
C ILE B 104 -17.80 2.77 14.43
N THR B 105 -18.23 4.03 14.49
CA THR B 105 -19.04 4.53 15.58
C THR B 105 -20.51 4.19 15.34
N HIS B 106 -21.29 4.20 16.45
CA HIS B 106 -22.66 3.74 16.46
C HIS B 106 -23.56 4.52 17.44
N GLY B 107 -24.88 4.32 17.28
CA GLY B 107 -25.88 4.72 18.27
C GLY B 107 -25.72 4.06 19.64
N GLY B 108 -25.04 2.90 19.67
CA GLY B 108 -24.54 2.30 20.89
C GLY B 108 -23.23 1.59 20.58
N TYR B 109 -22.23 1.77 21.44
CA TYR B 109 -20.91 1.13 21.33
C TYR B 109 -20.16 1.71 20.13
N PHE B 110 -19.05 1.04 19.78
CA PHE B 110 -18.32 1.22 18.55
C PHE B 110 -17.73 -0.14 18.19
N SER B 111 -17.31 -0.26 16.92
CA SER B 111 -16.80 -1.52 16.38
C SER B 111 -15.40 -1.32 15.83
N ARG B 112 -14.54 -2.34 15.98
CA ARG B 112 -13.27 -2.43 15.26
C ARG B 112 -13.53 -3.19 13.97
N ILE B 113 -13.01 -2.67 12.84
CA ILE B 113 -13.11 -3.32 11.54
C ILE B 113 -11.68 -3.56 11.04
N ASN B 114 -11.41 -4.79 10.58
CA ASN B 114 -10.19 -5.16 9.88
C ASN B 114 -10.35 -4.65 8.44
N LEU B 115 -9.42 -3.81 7.97
CA LEU B 115 -9.50 -3.20 6.64
C LEU B 115 -9.12 -4.14 5.48
N LYS B 116 -8.59 -5.35 5.73
CA LYS B 116 -8.34 -6.38 4.70
C LYS B 116 -9.49 -7.37 4.59
N THR B 117 -9.94 -7.91 5.75
CA THR B 117 -10.96 -8.97 5.83
C THR B 117 -12.38 -8.43 6.01
N PHE B 118 -12.58 -7.22 6.58
CA PHE B 118 -13.87 -6.66 6.98
C PHE B 118 -14.50 -7.41 8.17
N GLU B 119 -13.72 -8.21 8.95
CA GLU B 119 -14.14 -8.75 10.25
C GLU B 119 -14.42 -7.55 11.18
N THR B 120 -15.63 -7.52 11.76
CA THR B 120 -16.13 -6.44 12.59
C THR B 120 -16.40 -7.01 13.99
N ILE B 121 -15.76 -6.44 15.03
CA ILE B 121 -15.94 -6.78 16.44
C ILE B 121 -16.58 -5.56 17.11
N THR B 122 -17.83 -5.68 17.65
CA THR B 122 -18.47 -4.60 18.40
C THR B 122 -18.05 -4.72 19.85
N LEU B 123 -17.47 -3.64 20.43
CA LEU B 123 -16.88 -3.68 21.76
C LEU B 123 -17.95 -3.22 22.73
N VAL B 124 -18.47 -4.15 23.55
CA VAL B 124 -19.63 -3.93 24.41
C VAL B 124 -19.26 -3.75 25.89
N SER B 125 -17.95 -3.59 26.24
CA SER B 125 -17.50 -3.43 27.61
C SER B 125 -16.39 -2.37 27.73
N VAL B 126 -16.64 -1.18 27.15
CA VAL B 126 -15.71 -0.07 27.13
C VAL B 126 -16.42 1.10 27.78
N GLY B 127 -16.32 1.21 29.13
CA GLY B 127 -16.88 2.33 29.88
C GLY B 127 -18.38 2.54 29.61
N ASN B 128 -18.79 3.79 29.29
CA ASN B 128 -20.18 4.17 29.05
C ASN B 128 -20.47 4.35 27.55
N THR B 129 -19.73 3.69 26.64
CA THR B 129 -19.91 3.87 25.19
C THR B 129 -21.21 3.26 24.67
N TYR B 130 -21.98 2.47 25.46
CA TYR B 130 -23.31 2.03 25.06
C TYR B 130 -24.27 3.16 24.67
N THR B 131 -24.10 4.38 25.24
CA THR B 131 -24.97 5.51 24.92
C THR B 131 -24.69 6.11 23.55
N GLY B 132 -23.59 5.73 22.87
CA GLY B 132 -23.34 6.07 21.49
C GLY B 132 -21.97 6.75 21.38
N THR B 133 -21.44 6.68 20.14
CA THR B 133 -20.18 7.30 19.76
C THR B 133 -20.41 8.07 18.47
N GLY B 134 -19.68 9.19 18.29
CA GLY B 134 -19.93 10.11 17.18
C GLY B 134 -18.72 10.09 16.24
N SER B 135 -17.85 11.09 16.35
CA SER B 135 -16.62 11.19 15.58
C SER B 135 -15.44 10.80 16.47
N GLY B 136 -14.26 10.95 15.89
CA GLY B 136 -13.03 10.61 16.57
C GLY B 136 -11.86 10.72 15.61
N ILE B 137 -10.66 10.49 16.12
CA ILE B 137 -9.44 10.55 15.34
C ILE B 137 -8.33 9.75 16.03
N ALA B 138 -7.43 9.19 15.21
CA ALA B 138 -6.23 8.52 15.66
C ALA B 138 -5.17 9.60 15.79
N TYR B 139 -4.50 9.68 16.96
CA TYR B 139 -3.49 10.68 17.22
C TYR B 139 -2.50 10.17 18.27
N ASN B 140 -1.19 10.21 17.97
CA ASN B 140 -0.12 9.91 18.91
C ASN B 140 -0.30 8.54 19.61
N GLY B 141 -0.74 7.50 18.84
CA GLY B 141 -0.96 6.17 19.37
C GLY B 141 -2.28 5.95 20.13
N LYS B 142 -3.20 6.94 20.17
CA LYS B 142 -4.49 6.86 20.82
C LYS B 142 -5.61 7.09 19.82
N LEU B 143 -6.71 6.36 19.98
CA LEU B 143 -8.02 6.74 19.47
C LEU B 143 -8.56 7.80 20.43
N ILE B 144 -8.91 8.99 19.92
CA ILE B 144 -9.68 10.02 20.64
C ILE B 144 -11.12 9.81 20.17
N LEU B 145 -12.07 9.63 21.12
CA LEU B 145 -13.42 9.17 20.79
C LEU B 145 -14.46 10.12 21.39
N ASN B 146 -15.37 10.61 20.53
CA ASN B 146 -16.51 11.43 20.91
C ASN B 146 -17.58 10.48 21.45
N VAL B 147 -17.82 10.49 22.76
CA VAL B 147 -18.78 9.64 23.45
C VAL B 147 -19.99 10.52 23.73
N ASN B 148 -21.15 9.90 23.94
CA ASN B 148 -22.39 10.61 24.23
C ASN B 148 -22.40 11.06 25.68
N SER B 149 -21.94 12.29 25.97
CA SER B 149 -22.01 12.85 27.33
C SER B 149 -23.43 13.13 27.85
N SER B 150 -24.45 13.23 26.97
CA SER B 150 -25.85 13.38 27.38
C SER B 150 -26.44 12.10 27.98
N GLY B 151 -25.87 10.91 27.70
CA GLY B 151 -26.37 9.64 28.20
C GLY B 151 -25.95 9.40 29.65
N TRP B 152 -26.41 8.23 30.16
CA TRP B 152 -26.17 7.77 31.52
C TRP B 152 -24.66 7.70 31.83
N GLY B 153 -24.26 8.25 32.98
CA GLY B 153 -22.87 8.33 33.40
C GLY B 153 -22.12 9.59 32.92
N SER B 154 -22.69 10.42 32.04
CA SER B 154 -22.08 11.65 31.51
C SER B 154 -20.64 11.45 31.02
N PRO B 155 -20.32 10.41 30.20
CA PRO B 155 -18.95 10.15 29.79
C PRO B 155 -18.33 11.30 28.98
N LYS B 156 -17.11 11.71 29.34
CA LYS B 156 -16.33 12.65 28.54
C LYS B 156 -15.58 11.91 27.44
N VAL B 157 -14.87 12.66 26.59
CA VAL B 157 -14.08 12.10 25.49
C VAL B 157 -13.11 11.03 26.00
N TYR B 158 -13.11 9.85 25.33
CA TYR B 158 -12.20 8.77 25.65
C TYR B 158 -10.93 8.84 24.82
N THR B 159 -9.81 8.47 25.45
CA THR B 159 -8.61 8.02 24.76
C THR B 159 -8.40 6.54 25.02
N ILE B 160 -8.09 5.80 23.95
CA ILE B 160 -7.87 4.37 24.00
C ILE B 160 -6.57 4.11 23.25
N ASP B 161 -5.71 3.22 23.82
CA ASP B 161 -4.45 2.84 23.20
C ASP B 161 -4.75 2.03 21.93
N ILE B 162 -4.18 2.45 20.77
CA ILE B 162 -4.44 1.81 19.48
C ILE B 162 -3.88 0.38 19.46
N ALA B 163 -2.65 0.17 19.95
CA ALA B 163 -2.03 -1.17 20.01
C ALA B 163 -2.90 -2.18 20.76
N GLU B 164 -3.48 -1.76 21.91
CA GLU B 164 -4.41 -2.56 22.71
C GLU B 164 -5.71 -2.87 21.94
N LEU B 165 -6.28 -1.83 21.31
CA LEU B 165 -7.45 -1.94 20.45
C LEU B 165 -7.22 -2.89 19.27
N CYS B 166 -6.03 -2.91 18.67
CA CYS B 166 -5.66 -3.74 17.53
C CYS B 166 -5.11 -5.12 17.89
N SER B 167 -5.23 -5.60 19.16
CA SER B 167 -4.77 -6.92 19.54
C SER B 167 -5.48 -8.01 18.70
N PRO B 168 -4.78 -8.99 18.05
CA PRO B 168 -5.47 -10.12 17.40
C PRO B 168 -6.37 -11.00 18.31
N ASP B 169 -6.17 -10.97 19.65
CA ASP B 169 -6.96 -11.68 20.64
C ASP B 169 -8.22 -10.93 21.09
N LEU B 170 -8.50 -9.68 20.61
CA LEU B 170 -9.64 -8.88 21.01
C LEU B 170 -10.94 -9.64 20.75
N LYS B 171 -11.78 -9.75 21.78
CA LYS B 171 -13.15 -10.28 21.69
C LYS B 171 -14.12 -9.19 22.16
N PRO B 172 -15.41 -9.20 21.70
CA PRO B 172 -16.39 -8.16 22.03
C PRO B 172 -16.54 -7.73 23.50
N THR B 173 -16.43 -8.70 24.44
CA THR B 173 -16.63 -8.52 25.87
C THR B 173 -15.35 -8.16 26.65
N ASP B 174 -14.15 -8.02 26.02
CA ASP B 174 -12.92 -7.65 26.72
C ASP B 174 -12.96 -6.19 27.19
N LYS B 175 -12.37 -5.93 28.38
CA LYS B 175 -12.45 -4.64 29.07
C LYS B 175 -11.27 -3.78 28.57
N VAL B 176 -11.48 -3.12 27.42
CA VAL B 176 -10.42 -2.30 26.81
C VAL B 176 -10.24 -1.08 27.72
N ALA B 177 -8.99 -0.80 28.14
CA ALA B 177 -8.65 0.33 29.01
C ALA B 177 -8.93 1.63 28.27
N PHE B 178 -9.46 2.63 29.00
CA PHE B 178 -9.63 3.98 28.47
C PHE B 178 -9.25 4.98 29.56
N GLN B 179 -8.95 6.21 29.13
CA GLN B 179 -8.88 7.38 29.98
C GLN B 179 -9.91 8.37 29.48
N GLU B 180 -10.38 9.25 30.37
CA GLU B 180 -11.24 10.36 30.02
C GLU B 180 -10.37 11.59 29.89
N LEU B 181 -10.51 12.36 28.80
CA LEU B 181 -10.07 13.76 28.77
C LEU B 181 -11.15 14.61 29.41
N ASP B 182 -10.78 15.83 29.85
CA ASP B 182 -11.74 16.83 30.34
C ASP B 182 -12.42 17.58 29.18
N ILE B 183 -13.19 16.86 28.36
CA ILE B 183 -13.90 17.35 27.19
C ILE B 183 -15.29 16.73 27.23
N ALA B 184 -16.30 17.48 27.67
CA ALA B 184 -17.70 17.07 27.58
C ALA B 184 -18.15 17.20 26.12
N THR B 185 -18.85 16.20 25.58
CA THR B 185 -19.45 16.28 24.25
C THR B 185 -20.91 15.86 24.36
N TYR B 186 -21.78 16.82 24.74
CA TYR B 186 -23.24 16.70 24.77
C TYR B 186 -23.75 16.91 23.33
N GLY B 187 -23.34 16.02 22.46
CA GLY B 187 -23.59 16.06 21.03
C GLY B 187 -22.37 15.58 20.25
N GLY B 188 -22.57 15.48 18.93
CA GLY B 188 -21.48 15.13 18.05
C GLY B 188 -20.51 16.31 17.90
N THR B 189 -19.22 16.00 17.84
CA THR B 189 -18.15 16.94 17.58
C THR B 189 -17.30 16.40 16.45
N ARG B 190 -16.30 17.19 16.06
CA ARG B 190 -15.33 16.85 15.03
C ARG B 190 -13.94 17.22 15.52
N PHE B 191 -12.95 16.68 14.78
CA PHE B 191 -11.54 16.72 15.15
C PHE B 191 -10.76 17.28 13.94
N VAL B 192 -9.96 18.33 14.15
CA VAL B 192 -9.11 18.91 13.12
C VAL B 192 -7.66 18.78 13.58
N GLN B 193 -6.80 18.18 12.71
CA GLN B 193 -5.37 18.11 12.94
C GLN B 193 -4.70 19.30 12.26
N CYS B 194 -3.82 19.98 12.98
CA CYS B 194 -3.10 21.16 12.50
C CYS B 194 -1.61 20.89 12.42
N LYS B 195 -0.92 21.74 11.63
CA LYS B 195 0.52 21.65 11.40
C LYS B 195 1.38 21.98 12.63
N ASP B 196 0.82 22.56 13.70
CA ASP B 196 1.44 22.57 15.02
C ASP B 196 1.57 21.18 15.69
N GLY B 197 0.99 20.09 15.11
CA GLY B 197 1.06 18.75 15.68
C GLY B 197 -0.01 18.53 16.75
N ASN B 198 -1.07 19.38 16.84
CA ASN B 198 -2.13 19.31 17.82
C ASN B 198 -3.44 18.96 17.13
N ILE B 199 -4.39 18.50 17.95
CA ILE B 199 -5.77 18.23 17.54
C ILE B 199 -6.63 19.34 18.12
N TYR B 200 -7.64 19.78 17.36
CA TYR B 200 -8.62 20.76 17.78
C TYR B 200 -9.99 20.11 17.71
N THR B 201 -10.81 20.32 18.76
CA THR B 201 -12.17 19.86 18.82
C THR B 201 -13.03 20.86 19.57
N VAL B 202 -14.31 20.54 19.68
CA VAL B 202 -15.32 21.38 20.31
C VAL B 202 -15.89 20.59 21.49
N GLU B 203 -15.69 21.13 22.70
CA GLU B 203 -16.46 20.76 23.88
C GLU B 203 -17.85 21.43 23.82
N THR B 204 -18.92 20.67 24.13
CA THR B 204 -20.21 21.24 24.52
C THR B 204 -20.57 20.66 25.89
N THR B 205 -20.69 21.52 26.92
CA THR B 205 -20.97 21.10 28.30
C THR B 205 -22.47 20.84 28.50
N LYS B 206 -22.81 20.32 29.69
CA LYS B 206 -24.18 20.10 30.18
C LYS B 206 -25.05 21.36 30.12
N ASP B 207 -24.47 22.54 30.44
CA ASP B 207 -25.15 23.83 30.34
C ASP B 207 -25.14 24.46 28.93
N GLY B 208 -24.65 23.79 27.86
CA GLY B 208 -24.66 24.31 26.50
C GLY B 208 -23.56 25.34 26.19
N LYS B 209 -22.52 25.51 27.04
CA LYS B 209 -21.33 26.29 26.72
C LYS B 209 -20.48 25.49 25.73
N ASN B 210 -19.88 26.21 24.77
CA ASN B 210 -19.06 25.64 23.69
C ASN B 210 -17.64 26.13 23.91
N ASN B 211 -16.65 25.21 23.99
CA ASN B 211 -15.23 25.52 24.07
C ASN B 211 -14.49 24.91 22.88
N LEU B 212 -13.63 25.71 22.21
CA LEU B 212 -12.61 25.20 21.32
C LEU B 212 -11.47 24.64 22.17
N VAL B 213 -11.04 23.39 21.93
CA VAL B 213 -10.12 22.63 22.77
C VAL B 213 -8.93 22.26 21.91
N ARG B 214 -7.71 22.66 22.32
CA ARG B 214 -6.46 22.14 21.79
C ARG B 214 -6.07 20.92 22.62
N ILE B 215 -5.83 19.78 21.97
CA ILE B 215 -5.26 18.58 22.56
C ILE B 215 -3.80 18.58 22.09
N ASN B 216 -2.85 18.65 23.06
CA ASN B 216 -1.41 18.63 22.83
C ASN B 216 -0.95 17.19 22.61
N ALA B 217 0.32 17.02 22.23
CA ALA B 217 0.90 15.67 21.96
C ALA B 217 1.03 14.79 23.21
N ASP B 218 1.13 15.42 24.40
CA ASP B 218 1.03 14.76 25.70
C ASP B 218 -0.43 14.54 26.17
N PHE B 219 -1.48 14.94 25.40
CA PHE B 219 -2.89 14.87 25.74
C PHE B 219 -3.29 15.86 26.84
N SER B 220 -2.48 16.88 27.22
CA SER B 220 -2.94 18.02 28.00
C SER B 220 -3.79 18.91 27.09
N LEU B 221 -4.68 19.72 27.71
CA LEU B 221 -5.70 20.52 27.02
C LEU B 221 -5.42 22.00 27.23
N LYS B 222 -5.84 22.82 26.27
CA LYS B 222 -6.10 24.24 26.47
C LYS B 222 -7.46 24.57 25.88
N LYS B 223 -8.33 25.28 26.62
CA LYS B 223 -9.70 25.56 26.22
C LYS B 223 -9.96 27.06 26.17
N VAL B 224 -10.71 27.53 25.16
CA VAL B 224 -11.14 28.91 24.99
C VAL B 224 -12.59 28.93 24.53
N ALA B 225 -13.36 29.94 24.94
CA ALA B 225 -14.82 29.95 24.74
C ALA B 225 -15.14 30.25 23.29
N MET B 226 -16.00 29.44 22.67
CA MET B 226 -16.63 29.71 21.38
C MET B 226 -17.92 30.47 21.61
N ARG B 227 -18.57 30.87 20.48
CA ARG B 227 -19.89 31.49 20.52
C ARG B 227 -20.90 30.54 21.21
N ASP B 228 -21.76 31.12 22.06
CA ASP B 228 -22.83 30.37 22.74
C ASP B 228 -23.87 29.79 21.78
N ASP B 229 -24.11 30.41 20.62
CA ASP B 229 -25.09 29.98 19.62
C ASP B 229 -24.55 28.90 18.66
N TYR B 230 -23.30 28.39 18.83
CA TYR B 230 -22.88 27.14 18.22
C TYR B 230 -23.74 26.01 18.82
N SER B 231 -24.18 25.07 17.99
CA SER B 231 -24.81 23.82 18.43
C SER B 231 -23.96 22.67 17.93
N PRO B 232 -23.66 21.63 18.77
CA PRO B 232 -23.20 20.35 18.21
C PRO B 232 -24.34 19.68 17.44
N SER B 233 -24.03 18.61 16.70
CA SER B 233 -25.06 17.70 16.22
C SER B 233 -25.64 16.92 17.40
N SER B 234 -26.84 16.37 17.28
CA SER B 234 -27.54 15.68 18.36
C SER B 234 -27.31 14.18 18.20
N PHE B 235 -27.01 13.47 19.32
CA PHE B 235 -27.12 12.01 19.34
C PHE B 235 -28.57 11.52 19.16
N GLY B 236 -29.60 12.37 19.32
CA GLY B 236 -30.97 12.05 18.94
C GLY B 236 -31.15 11.67 17.46
N ALA B 237 -30.39 12.29 16.56
CA ALA B 237 -30.39 11.99 15.12
C ALA B 237 -29.01 12.38 14.60
N TYR B 238 -28.05 11.44 14.76
CA TYR B 238 -26.63 11.73 14.61
C TYR B 238 -26.34 12.25 13.19
N ARG B 239 -25.67 13.41 13.11
CA ARG B 239 -25.04 13.89 11.90
C ARG B 239 -23.64 14.36 12.27
N GLU B 240 -22.76 14.50 11.26
CA GLU B 240 -21.51 15.19 11.47
C GLU B 240 -21.77 16.64 11.89
N ALA B 241 -21.05 17.13 12.93
CA ALA B 241 -21.16 18.53 13.36
C ALA B 241 -20.56 19.47 12.28
N SER B 242 -20.89 20.77 12.39
CA SER B 242 -20.42 21.79 11.43
C SER B 242 -18.95 22.16 11.59
N PHE B 243 -18.35 21.94 12.78
CA PHE B 243 -16.97 22.30 13.07
C PHE B 243 -16.00 21.61 12.08
N CYS B 244 -15.15 22.41 11.47
CA CYS B 244 -14.14 21.97 10.52
C CYS B 244 -13.01 22.99 10.51
N GLY B 245 -11.97 22.69 9.74
CA GLY B 245 -10.84 23.57 9.69
C GLY B 245 -9.72 23.10 8.79
N THR B 246 -8.71 23.96 8.74
CA THR B 246 -7.54 23.77 7.88
C THR B 246 -6.37 23.29 8.71
N PRO B 247 -5.35 22.66 8.09
CA PRO B 247 -4.07 22.43 8.77
C PRO B 247 -3.35 23.66 9.34
N GLU B 248 -3.59 24.85 8.73
CA GLU B 248 -3.02 26.14 9.11
C GLU B 248 -3.71 26.74 10.34
N GLY B 249 -4.74 26.12 10.95
CA GLY B 249 -5.40 26.56 12.17
C GLY B 249 -6.50 27.61 11.94
N ILE B 250 -7.13 27.63 10.75
CA ILE B 250 -8.33 28.41 10.48
C ILE B 250 -9.46 27.42 10.65
N PHE B 251 -10.42 27.75 11.53
CA PHE B 251 -11.56 26.91 11.83
C PHE B 251 -12.82 27.58 11.28
N TYR B 252 -13.83 26.77 11.06
CA TYR B 252 -15.14 27.21 10.61
C TYR B 252 -16.20 26.50 11.43
N TYR B 253 -17.32 27.20 11.69
CA TYR B 253 -18.48 26.59 12.28
C TYR B 253 -19.73 27.42 11.99
N ILE B 254 -20.90 26.77 12.10
CA ILE B 254 -22.19 27.41 12.01
C ILE B 254 -22.60 27.77 13.44
N ALA B 255 -23.10 29.00 13.63
CA ALA B 255 -23.62 29.45 14.92
C ALA B 255 -24.75 30.43 14.67
N GLY B 256 -25.93 30.23 15.31
CA GLY B 256 -27.12 31.05 15.09
C GLY B 256 -27.52 31.19 13.61
N GLY B 257 -27.39 30.11 12.83
CA GLY B 257 -27.75 30.11 11.41
C GLY B 257 -26.76 30.82 10.48
N LYS B 258 -25.52 31.13 10.91
CA LYS B 258 -24.53 31.88 10.12
C LYS B 258 -23.19 31.14 10.15
N ILE B 259 -22.38 31.36 9.10
CA ILE B 259 -21.05 30.76 8.95
C ILE B 259 -20.04 31.71 9.60
N TYR B 260 -19.19 31.20 10.51
CA TYR B 260 -18.08 31.92 11.12
C TYR B 260 -16.77 31.27 10.70
N LYS B 261 -15.78 32.11 10.38
CA LYS B 261 -14.38 31.78 10.49
C LYS B 261 -13.89 32.08 11.91
N ALA B 262 -13.13 31.16 12.53
CA ALA B 262 -12.55 31.35 13.87
C ALA B 262 -11.10 30.86 13.90
N THR B 263 -10.35 31.33 14.89
CA THR B 263 -8.99 30.84 15.20
C THR B 263 -8.93 30.51 16.70
N PHE B 264 -7.83 29.90 17.13
CA PHE B 264 -7.63 29.65 18.56
C PHE B 264 -7.51 30.93 19.38
N ASP B 265 -6.91 31.99 18.82
CA ASP B 265 -6.84 33.31 19.44
C ASP B 265 -8.14 34.10 19.29
N ASN B 266 -9.02 33.80 18.32
CA ASN B 266 -10.32 34.44 18.11
C ASN B 266 -11.42 33.39 17.96
N PRO B 267 -11.68 32.59 19.05
CA PRO B 267 -12.61 31.46 18.98
C PRO B 267 -14.10 31.81 18.91
N ALA B 268 -14.50 33.02 19.33
CA ALA B 268 -15.89 33.48 19.38
C ALA B 268 -16.00 34.75 18.51
N PRO B 269 -15.81 34.65 17.18
CA PRO B 269 -15.87 35.79 16.27
C PRO B 269 -17.22 36.53 16.28
N GLU B 270 -17.19 37.86 16.32
CA GLU B 270 -18.35 38.71 15.99
C GLU B 270 -18.63 38.73 14.49
N GLU B 271 -17.58 38.74 13.63
CA GLU B 271 -17.71 38.87 12.18
C GLU B 271 -18.04 37.49 11.62
N THR B 272 -19.07 37.41 10.74
CA THR B 272 -19.33 36.21 9.94
C THR B 272 -18.31 36.11 8.80
N LEU B 273 -18.08 34.88 8.32
CA LEU B 273 -17.41 34.66 7.04
C LEU B 273 -18.19 35.30 5.89
N THR B 274 -19.51 35.11 5.88
CA THR B 274 -20.42 35.63 4.87
C THR B 274 -21.78 35.88 5.53
N GLU B 275 -22.50 36.88 4.99
CA GLU B 275 -23.92 37.14 5.26
C GLU B 275 -24.84 36.54 4.19
N TYR B 276 -24.37 35.58 3.34
CA TYR B 276 -25.16 34.91 2.31
C TYR B 276 -26.45 34.32 2.92
N THR B 277 -27.59 34.65 2.27
CA THR B 277 -28.86 33.95 2.48
C THR B 277 -29.49 33.67 1.12
N LYS B 278 -30.34 32.63 1.08
CA LYS B 278 -31.39 32.48 0.09
C LYS B 278 -32.66 32.23 0.87
N GLU B 279 -33.70 33.03 0.59
CA GLU B 279 -34.95 33.04 1.36
C GLU B 279 -35.60 31.65 1.31
N GLY B 280 -35.97 31.13 2.50
CA GLY B 280 -36.51 29.79 2.67
C GLY B 280 -35.52 28.63 2.77
N TYR B 281 -34.18 28.83 2.59
CA TYR B 281 -33.18 27.78 2.68
C TYR B 281 -32.47 27.90 4.02
N GLY B 282 -32.32 26.78 4.73
CA GLY B 282 -31.57 26.66 5.98
C GLY B 282 -30.55 25.54 5.86
N PHE B 283 -29.53 25.59 6.71
CA PHE B 283 -28.48 24.57 6.71
C PHE B 283 -29.04 23.18 7.05
N TYR B 284 -28.48 22.15 6.39
CA TYR B 284 -28.80 20.75 6.69
C TYR B 284 -27.52 19.94 6.70
N GLY B 285 -27.53 18.77 7.34
CA GLY B 285 -26.38 17.89 7.35
C GLY B 285 -25.24 18.50 8.18
N ALA B 286 -24.02 18.31 7.68
CA ALA B 286 -22.83 18.96 8.21
C ALA B 286 -22.88 20.47 8.06
N GLY B 287 -23.63 21.01 7.06
CA GLY B 287 -23.82 22.43 6.89
C GLY B 287 -22.67 22.99 6.07
N ILE B 288 -21.41 22.85 6.55
CA ILE B 288 -20.23 23.39 5.89
C ILE B 288 -19.06 22.41 5.95
N ARG B 289 -18.21 22.46 4.93
CA ARG B 289 -16.88 21.89 4.95
C ARG B 289 -15.92 22.78 4.19
N VAL B 290 -14.66 22.84 4.66
CA VAL B 290 -13.58 23.57 4.03
C VAL B 290 -12.70 22.57 3.25
N ASN B 291 -12.29 22.97 2.02
CA ASN B 291 -11.26 22.30 1.25
C ASN B 291 -9.98 23.14 1.43
N PRO B 292 -9.02 22.77 2.32
CA PRO B 292 -7.77 23.53 2.45
C PRO B 292 -6.91 23.61 1.19
N LYS B 293 -6.96 22.58 0.33
CA LYS B 293 -6.18 22.53 -0.91
C LYS B 293 -6.61 23.57 -1.95
N THR B 294 -7.91 23.96 -2.02
CA THR B 294 -8.44 24.94 -2.97
C THR B 294 -8.88 26.28 -2.34
N ASN B 295 -8.83 26.49 -1.00
CA ASN B 295 -9.32 27.70 -0.34
C ASN B 295 -10.82 27.90 -0.61
N GLU B 296 -11.60 26.79 -0.55
CA GLU B 296 -13.03 26.79 -0.81
C GLU B 296 -13.78 26.29 0.43
N LEU B 297 -14.86 26.97 0.80
CA LEU B 297 -15.80 26.52 1.81
C LEU B 297 -17.09 26.19 1.05
N LEU B 298 -17.62 24.98 1.27
CA LEU B 298 -18.85 24.51 0.69
C LEU B 298 -19.94 24.50 1.76
N ALA B 299 -21.16 24.95 1.39
CA ALA B 299 -22.31 25.05 2.29
C ALA B 299 -23.48 24.31 1.66
N MET B 300 -24.25 23.57 2.47
CA MET B 300 -25.40 22.78 2.01
C MET B 300 -26.62 23.27 2.78
N TYR B 301 -27.71 23.49 2.03
CA TYR B 301 -28.97 24.01 2.51
C TYR B 301 -30.11 23.24 1.83
N LEU B 302 -31.28 23.28 2.48
CA LEU B 302 -32.53 22.86 1.86
C LEU B 302 -33.70 23.67 2.43
N THR B 303 -34.85 23.55 1.76
CA THR B 303 -36.08 24.20 2.16
C THR B 303 -36.75 23.43 3.31
N GLY B 304 -37.75 24.07 3.96
CA GLY B 304 -38.48 23.52 5.09
C GLY B 304 -39.23 22.21 4.84
N ASP B 305 -39.65 21.95 3.59
CA ASP B 305 -40.24 20.68 3.15
C ASP B 305 -39.22 19.67 2.59
N TYR B 306 -37.91 20.00 2.53
CA TYR B 306 -36.81 19.11 2.16
C TYR B 306 -36.77 18.74 0.67
N GLN B 307 -37.57 19.39 -0.19
CA GLN B 307 -37.71 19.07 -1.61
C GLN B 307 -36.70 19.81 -2.50
N LYS B 308 -36.11 20.93 -2.03
CA LYS B 308 -35.24 21.80 -2.81
C LYS B 308 -33.93 21.98 -2.05
N ASN B 309 -32.81 21.79 -2.77
CA ASN B 309 -31.47 21.69 -2.23
C ASN B 309 -30.67 22.86 -2.82
N LEU B 310 -29.64 23.32 -2.06
CA LEU B 310 -28.77 24.41 -2.46
C LEU B 310 -27.36 24.09 -1.96
N LEU B 311 -26.37 24.08 -2.88
CA LEU B 311 -24.95 24.04 -2.54
C LEU B 311 -24.39 25.42 -2.91
N VAL B 312 -23.59 26.02 -2.01
CA VAL B 312 -22.90 27.29 -2.25
C VAL B 312 -21.41 27.07 -1.97
N ARG B 313 -20.57 27.58 -2.88
CA ARG B 313 -19.12 27.52 -2.82
C ARG B 313 -18.63 28.94 -2.59
N PHE B 314 -17.95 29.15 -1.46
CA PHE B 314 -17.36 30.41 -1.06
C PHE B 314 -15.84 30.31 -1.12
N ASN B 315 -15.20 31.45 -1.31
CA ASN B 315 -13.80 31.65 -0.98
C ASN B 315 -13.67 31.52 0.55
N ALA B 316 -12.84 30.57 1.00
CA ALA B 316 -12.67 30.28 2.43
C ALA B 316 -11.92 31.39 3.19
N ALA B 317 -11.12 32.22 2.52
CA ALA B 317 -10.42 33.37 3.10
C ALA B 317 -11.35 34.60 3.17
N THR B 318 -11.94 35.01 2.04
CA THR B 318 -12.73 36.24 1.92
C THR B 318 -14.20 36.10 2.30
N GLY B 319 -14.78 34.89 2.12
CA GLY B 319 -16.21 34.67 2.14
C GLY B 319 -16.98 35.06 0.88
N GLU B 320 -16.31 35.53 -0.21
CA GLU B 320 -16.99 35.88 -1.46
C GLU B 320 -17.62 34.63 -2.06
N LYS B 321 -18.88 34.73 -2.56
CA LYS B 321 -19.52 33.60 -3.22
C LYS B 321 -18.85 33.38 -4.58
N ILE B 322 -18.41 32.13 -4.84
CA ILE B 322 -17.81 31.71 -6.10
C ILE B 322 -18.91 31.20 -7.02
N SER B 323 -19.73 30.26 -6.50
CA SER B 323 -20.80 29.64 -7.26
C SER B 323 -21.87 29.10 -6.34
N GLU B 324 -23.01 28.78 -6.96
CA GLU B 324 -24.03 27.97 -6.31
C GLU B 324 -24.75 27.08 -7.32
N ILE B 325 -25.48 26.09 -6.77
CA ILE B 325 -26.34 25.23 -7.56
C ILE B 325 -27.56 24.85 -6.73
N ALA B 326 -28.76 25.09 -7.33
CA ALA B 326 -30.05 24.75 -6.75
C ALA B 326 -30.58 23.54 -7.51
N TYR B 327 -31.11 22.53 -6.79
CA TYR B 327 -31.67 21.34 -7.43
C TYR B 327 -32.76 20.72 -6.57
N ASP B 328 -33.71 20.07 -7.25
CA ASP B 328 -34.83 19.38 -6.61
C ASP B 328 -34.48 17.96 -6.21
N GLY B 329 -35.17 17.46 -5.17
CA GLY B 329 -35.25 16.05 -4.83
C GLY B 329 -35.02 15.82 -3.35
N TYR B 330 -35.50 14.65 -2.87
CA TYR B 330 -35.30 14.20 -1.49
C TYR B 330 -33.96 13.51 -1.38
N TYR B 331 -32.90 14.34 -1.31
CA TYR B 331 -31.51 13.93 -1.15
C TYR B 331 -31.08 13.93 0.30
N PHE B 332 -31.46 14.95 1.12
CA PHE B 332 -31.05 15.12 2.49
C PHE B 332 -29.53 15.10 2.61
N PRO B 333 -28.80 16.08 2.00
CA PRO B 333 -27.34 16.10 2.03
C PRO B 333 -26.75 15.94 3.44
N ALA B 334 -25.77 15.03 3.59
CA ALA B 334 -25.16 14.66 4.87
C ALA B 334 -23.86 15.41 5.09
N THR B 335 -22.96 15.32 4.09
CA THR B 335 -21.65 15.95 4.20
C THR B 335 -21.02 16.11 2.82
N PHE B 336 -19.88 16.83 2.80
CA PHE B 336 -19.05 17.03 1.62
C PHE B 336 -17.78 16.22 1.78
N ILE B 337 -17.28 15.68 0.65
CA ILE B 337 -15.95 15.06 0.56
C ILE B 337 -15.24 15.69 -0.64
N PHE B 338 -13.96 16.11 -0.44
CA PHE B 338 -13.11 16.65 -1.49
C PHE B 338 -12.11 15.55 -1.88
N ASN B 339 -12.16 15.07 -3.15
CA ASN B 339 -11.40 13.98 -3.78
C ASN B 339 -11.71 12.62 -3.18
N MET C 3 -21.65 -16.00 2.23
CA MET C 3 -20.27 -15.45 2.15
C MET C 3 -19.25 -16.25 3.00
N LYS C 4 -19.65 -16.76 4.18
CA LYS C 4 -18.77 -17.57 5.04
C LYS C 4 -18.50 -18.94 4.38
N GLY C 5 -17.25 -19.43 4.45
CA GLY C 5 -16.85 -20.60 3.68
C GLY C 5 -15.35 -20.85 3.68
N CYS C 6 -14.90 -21.76 2.81
CA CYS C 6 -13.47 -22.01 2.56
C CYS C 6 -13.19 -22.21 1.09
N LEU C 7 -11.93 -21.90 0.71
CA LEU C 7 -11.40 -22.21 -0.62
C LEU C 7 -10.79 -23.61 -0.59
N ILE C 8 -10.94 -24.35 -1.71
CA ILE C 8 -10.29 -25.63 -1.94
C ILE C 8 -9.41 -25.41 -3.16
N ILE C 9 -8.09 -25.56 -3.02
CA ILE C 9 -7.16 -25.59 -4.14
C ILE C 9 -7.23 -27.04 -4.65
N ASN C 10 -7.48 -27.21 -5.96
CA ASN C 10 -7.61 -28.51 -6.61
C ASN C 10 -6.37 -28.76 -7.45
N GLU C 11 -5.79 -29.97 -7.39
CA GLU C 11 -4.75 -30.39 -8.33
C GLU C 11 -5.24 -30.32 -9.78
N GLY C 12 -6.52 -30.69 -10.03
CA GLY C 12 -7.06 -30.88 -11.34
C GLY C 12 -6.61 -32.24 -11.91
N TRP C 13 -7.20 -32.53 -13.07
CA TRP C 13 -7.18 -33.84 -13.67
C TRP C 13 -5.95 -33.89 -14.59
N PHE C 14 -4.87 -34.51 -14.09
CA PHE C 14 -3.61 -34.57 -14.83
C PHE C 14 -3.81 -35.24 -16.20
N GLY C 15 -3.29 -34.56 -17.25
CA GLY C 15 -3.46 -34.95 -18.63
C GLY C 15 -4.67 -34.31 -19.33
N HIS C 16 -5.60 -33.63 -18.63
CA HIS C 16 -6.94 -33.30 -19.13
C HIS C 16 -7.29 -31.81 -18.91
N GLY C 17 -6.95 -31.26 -17.75
CA GLY C 17 -7.02 -29.82 -17.55
C GLY C 17 -6.12 -29.34 -16.42
N SER C 18 -6.36 -28.07 -16.08
CA SER C 18 -5.58 -27.37 -15.07
C SER C 18 -6.09 -27.73 -13.66
N GLY C 19 -5.36 -27.24 -12.66
CA GLY C 19 -5.92 -27.03 -11.33
C GLY C 19 -6.98 -25.91 -11.31
N SER C 20 -7.62 -25.78 -10.16
CA SER C 20 -8.76 -24.87 -10.00
C SER C 20 -8.97 -24.55 -8.54
N ILE C 21 -9.86 -23.58 -8.29
CA ILE C 21 -10.25 -23.19 -6.95
C ILE C 21 -11.76 -23.43 -6.85
N SER C 22 -12.18 -24.27 -5.87
CA SER C 22 -13.56 -24.40 -5.45
C SER C 22 -13.83 -23.57 -4.20
N PHE C 23 -15.11 -23.26 -3.95
CA PHE C 23 -15.58 -22.51 -2.78
C PHE C 23 -16.72 -23.32 -2.14
N TYR C 24 -16.53 -23.73 -0.87
CA TYR C 24 -17.55 -24.38 -0.08
C TYR C 24 -18.27 -23.25 0.66
N ASN C 25 -19.53 -22.95 0.28
CA ASN C 25 -20.38 -21.97 0.96
C ASN C 25 -21.04 -22.69 2.13
N TYR C 26 -20.73 -22.32 3.38
CA TYR C 26 -21.27 -22.98 4.57
C TYR C 26 -22.74 -22.65 4.80
N GLU C 27 -23.14 -21.38 4.64
CA GLU C 27 -24.53 -20.92 4.79
C GLU C 27 -25.50 -21.59 3.80
N LYS C 28 -25.12 -21.70 2.52
CA LYS C 28 -25.87 -22.44 1.49
C LYS C 28 -25.65 -23.97 1.53
N ASN C 29 -24.59 -24.50 2.20
CA ASN C 29 -24.05 -25.85 2.08
C ASN C 29 -23.92 -26.29 0.61
N SER C 30 -23.26 -25.44 -0.20
CA SER C 30 -23.09 -25.58 -1.63
C SER C 30 -21.60 -25.50 -1.99
N ILE C 31 -21.24 -26.08 -3.15
CA ILE C 31 -19.89 -26.02 -3.71
C ILE C 31 -19.98 -25.29 -5.06
N GLU C 32 -19.08 -24.34 -5.30
CA GLU C 32 -18.89 -23.66 -6.58
C GLU C 32 -17.49 -24.00 -7.07
N HIS C 33 -17.34 -24.35 -8.36
CA HIS C 33 -16.07 -24.73 -8.98
C HIS C 33 -15.62 -23.67 -9.97
N TRP C 34 -14.33 -23.75 -10.35
CA TRP C 34 -13.68 -22.90 -11.34
C TRP C 34 -13.80 -21.41 -10.96
N CYS C 35 -13.64 -21.12 -9.65
CA CYS C 35 -13.93 -19.80 -9.11
C CYS C 35 -12.88 -18.77 -9.56
N TYR C 36 -11.59 -19.14 -9.64
CA TYR C 36 -10.54 -18.32 -10.22
C TYR C 36 -10.86 -18.05 -11.71
N LYS C 37 -11.08 -19.12 -12.49
CA LYS C 37 -11.41 -19.02 -13.92
C LYS C 37 -12.57 -18.08 -14.19
N ASN C 38 -13.68 -18.27 -13.48
CA ASN C 38 -14.90 -17.48 -13.67
C ASN C 38 -14.77 -16.02 -13.21
N GLN C 39 -13.85 -15.71 -12.26
CA GLN C 39 -13.48 -14.35 -11.90
C GLN C 39 -12.45 -13.69 -12.84
N ASN C 40 -11.73 -14.41 -13.72
CA ASN C 40 -10.60 -13.91 -14.51
C ASN C 40 -10.79 -14.22 -16.00
N PHE C 41 -12.01 -14.06 -16.54
CA PHE C 41 -12.32 -14.07 -17.98
C PHE C 41 -11.83 -15.36 -18.69
N GLY C 42 -11.91 -16.52 -18.00
CA GLY C 42 -11.50 -17.80 -18.52
C GLY C 42 -10.02 -18.15 -18.36
N ASP C 43 -9.16 -17.32 -17.73
CA ASP C 43 -7.78 -17.70 -17.41
C ASP C 43 -7.76 -18.81 -16.37
N VAL C 44 -6.70 -19.66 -16.41
CA VAL C 44 -6.61 -20.87 -15.60
C VAL C 44 -5.28 -20.87 -14.83
N LEU C 45 -5.27 -21.68 -13.78
CA LEU C 45 -4.07 -22.11 -13.05
C LEU C 45 -3.26 -23.06 -13.95
N GLY C 46 -2.10 -23.52 -13.46
CA GLY C 46 -1.28 -24.46 -14.17
C GLY C 46 -1.75 -25.90 -13.94
N VAL C 47 -0.83 -26.83 -14.23
CA VAL C 47 -1.07 -28.26 -14.16
C VAL C 47 -0.56 -28.70 -12.78
N THR C 48 -1.44 -29.37 -12.01
CA THR C 48 -1.20 -29.89 -10.68
C THR C 48 -1.00 -28.72 -9.70
N SER C 49 -2.10 -28.04 -9.36
CA SER C 49 -2.11 -26.94 -8.41
C SER C 49 -2.04 -27.53 -7.01
N GLN C 50 -0.83 -27.60 -6.42
CA GLN C 50 -0.61 -28.38 -5.21
C GLN C 50 -0.73 -27.58 -3.91
N SER C 51 -0.53 -26.26 -3.92
CA SER C 51 -0.30 -25.50 -2.70
C SER C 51 -0.67 -24.06 -2.93
N ALA C 52 -1.06 -23.39 -1.85
CA ALA C 52 -1.22 -21.95 -1.86
C ALA C 52 -0.81 -21.39 -0.52
N THR C 53 -0.53 -20.07 -0.53
CA THR C 53 -0.03 -19.38 0.65
C THR C 53 -0.61 -17.97 0.64
N LEU C 54 -1.10 -17.54 1.82
CA LEU C 54 -1.45 -16.15 2.03
C LEU C 54 -0.17 -15.39 2.42
N TRP C 55 0.12 -14.27 1.74
CA TRP C 55 1.31 -13.50 2.05
C TRP C 55 1.11 -12.03 1.70
N ASN C 56 1.27 -11.12 2.69
CA ASN C 56 1.18 -9.69 2.54
C ASN C 56 -0.10 -9.27 1.80
N GLY C 57 -1.24 -9.87 2.20
CA GLY C 57 -2.56 -9.58 1.65
C GLY C 57 -2.90 -10.16 0.27
N LYS C 58 -2.05 -11.05 -0.29
CA LYS C 58 -2.27 -11.68 -1.59
C LYS C 58 -2.34 -13.18 -1.37
N LEU C 59 -2.98 -13.90 -2.29
CA LEU C 59 -3.02 -15.35 -2.33
C LEU C 59 -2.10 -15.78 -3.46
N TYR C 60 -1.05 -16.55 -3.13
CA TYR C 60 -0.09 -17.14 -4.08
C TYR C 60 -0.51 -18.57 -4.31
N VAL C 61 -0.87 -18.96 -5.55
CA VAL C 61 -1.33 -20.30 -5.86
C VAL C 61 -0.29 -20.90 -6.79
N CYS C 62 0.36 -21.99 -6.33
CA CYS C 62 1.36 -22.71 -7.09
C CYS C 62 0.71 -23.79 -7.95
N SER C 63 1.35 -24.08 -9.09
CA SER C 63 1.12 -25.30 -9.86
C SER C 63 2.46 -25.89 -10.28
N LYS C 64 2.54 -27.22 -10.33
CA LYS C 64 3.78 -27.92 -10.70
C LYS C 64 4.29 -27.55 -12.09
N GLU C 65 3.41 -27.42 -13.09
CA GLU C 65 3.78 -27.16 -14.48
C GLU C 65 2.92 -26.06 -15.10
N ASP C 66 3.43 -25.52 -16.22
CA ASP C 66 2.73 -24.61 -17.12
C ASP C 66 2.70 -23.26 -16.41
N ASN C 67 1.56 -22.88 -15.80
CA ASN C 67 1.38 -21.62 -15.11
C ASN C 67 1.67 -21.88 -13.64
N GLN C 68 2.95 -21.69 -13.26
CA GLN C 68 3.46 -22.15 -11.99
C GLN C 68 3.08 -21.29 -10.80
N LEU C 69 2.71 -20.02 -11.03
CA LEU C 69 2.34 -19.14 -9.92
C LEU C 69 1.31 -18.14 -10.42
N VAL C 70 0.21 -18.03 -9.68
CA VAL C 70 -0.79 -16.97 -9.86
C VAL C 70 -0.89 -16.26 -8.52
N VAL C 71 -0.80 -14.92 -8.58
CA VAL C 71 -0.94 -14.02 -7.45
C VAL C 71 -2.33 -13.38 -7.62
N MET C 72 -3.18 -13.51 -6.61
CA MET C 72 -4.56 -13.02 -6.67
C MET C 72 -5.00 -12.43 -5.33
N ASP C 73 -6.11 -11.68 -5.38
CA ASP C 73 -6.78 -11.18 -4.20
C ASP C 73 -7.42 -12.35 -3.44
N PRO C 74 -7.20 -12.56 -2.10
CA PRO C 74 -7.84 -13.64 -1.36
C PRO C 74 -9.38 -13.70 -1.38
N LYS C 75 -10.06 -12.52 -1.41
CA LYS C 75 -11.52 -12.42 -1.33
C LYS C 75 -12.18 -12.60 -2.71
N THR C 76 -11.73 -11.85 -3.72
CA THR C 76 -12.32 -11.82 -5.06
C THR C 76 -11.74 -12.89 -5.98
N LEU C 77 -10.47 -13.36 -5.74
CA LEU C 77 -9.70 -14.16 -6.68
C LEU C 77 -9.35 -13.42 -7.97
N TYR C 78 -9.40 -12.07 -8.03
CA TYR C 78 -9.00 -11.31 -9.21
C TYR C 78 -7.46 -11.36 -9.27
N ALA C 79 -6.92 -11.73 -10.45
CA ALA C 79 -5.50 -11.97 -10.64
C ALA C 79 -4.77 -10.62 -10.59
N GLU C 80 -3.71 -10.53 -9.76
CA GLU C 80 -2.70 -9.47 -9.83
C GLU C 80 -1.71 -9.85 -10.94
N ASN C 81 -1.17 -11.09 -10.94
CA ASN C 81 -0.14 -11.54 -11.88
C ASN C 81 -0.27 -13.04 -12.12
N SER C 82 -0.33 -13.43 -13.40
CA SER C 82 -0.36 -14.82 -13.86
C SER C 82 1.01 -15.07 -14.47
N CYS C 83 1.90 -15.78 -13.75
CA CYS C 83 3.33 -15.78 -14.02
C CYS C 83 3.78 -16.67 -15.18
N GLY C 84 3.03 -17.74 -15.55
CA GLY C 84 3.52 -18.70 -16.54
C GLY C 84 4.63 -19.58 -15.95
N LYS C 85 5.52 -20.08 -16.81
CA LYS C 85 6.62 -20.95 -16.42
C LYS C 85 7.70 -20.10 -15.73
N LEU C 86 8.02 -20.42 -14.47
CA LEU C 86 9.05 -19.70 -13.70
C LEU C 86 10.42 -20.35 -13.79
N ALA C 87 10.49 -21.69 -13.81
CA ALA C 87 11.72 -22.43 -13.72
C ALA C 87 11.60 -23.73 -14.50
N ASN C 88 12.76 -24.37 -14.73
CA ASN C 88 12.89 -25.71 -15.30
C ASN C 88 12.70 -26.84 -14.27
N TYR C 89 12.15 -26.58 -13.09
CA TYR C 89 11.79 -27.53 -12.07
C TYR C 89 10.31 -27.28 -11.77
N GLN C 90 9.64 -28.33 -11.25
CA GLN C 90 8.26 -28.20 -10.83
C GLN C 90 8.13 -27.28 -9.60
N ALA C 91 7.09 -26.46 -9.56
CA ALA C 91 6.79 -25.57 -8.44
C ALA C 91 5.90 -26.33 -7.45
N TYR C 92 6.30 -26.40 -6.17
CA TYR C 92 5.55 -27.04 -5.09
C TYR C 92 4.84 -26.00 -4.27
N GLU C 93 5.59 -25.26 -3.44
CA GLU C 93 5.02 -24.31 -2.50
C GLU C 93 5.66 -22.95 -2.71
N PHE C 94 4.90 -21.91 -2.31
CA PHE C 94 5.37 -20.55 -2.14
C PHE C 94 5.61 -20.36 -0.65
N ILE C 95 6.78 -19.80 -0.29
CA ILE C 95 7.11 -19.40 1.09
C ILE C 95 7.45 -17.93 1.03
N GLY C 96 6.77 -17.10 1.83
CA GLY C 96 7.08 -15.70 1.98
C GLY C 96 8.39 -15.46 2.69
N LEU C 97 9.21 -14.51 2.22
CA LEU C 97 10.39 -14.02 2.99
C LEU C 97 10.09 -12.68 3.63
N ASN C 98 9.71 -11.70 2.80
CA ASN C 98 9.39 -10.34 3.24
C ASN C 98 8.43 -9.73 2.22
N ASP C 99 8.29 -8.39 2.20
CA ASP C 99 7.52 -7.66 1.22
C ASP C 99 8.03 -7.79 -0.22
N ASP C 100 9.34 -8.06 -0.43
CA ASP C 100 10.01 -8.01 -1.73
C ASP C 100 10.25 -9.39 -2.35
N TYR C 101 10.41 -10.46 -1.52
CA TYR C 101 10.87 -11.77 -1.99
C TYR C 101 10.05 -12.91 -1.37
N GLY C 102 9.87 -13.97 -2.19
CA GLY C 102 9.44 -15.27 -1.74
C GLY C 102 10.36 -16.36 -2.27
N ILE C 103 10.01 -17.58 -1.87
CA ILE C 103 10.70 -18.80 -2.25
C ILE C 103 9.69 -19.68 -2.96
N ILE C 104 10.11 -20.35 -4.04
CA ILE C 104 9.39 -21.46 -4.66
C ILE C 104 10.19 -22.72 -4.40
N THR C 105 9.56 -23.74 -3.80
CA THR C 105 10.16 -25.05 -3.62
C THR C 105 9.91 -25.92 -4.85
N HIS C 106 10.77 -26.95 -4.98
CA HIS C 106 10.87 -27.79 -6.17
C HIS C 106 11.24 -29.23 -5.82
N GLY C 107 11.05 -30.12 -6.80
CA GLY C 107 11.58 -31.48 -6.81
C GLY C 107 13.12 -31.55 -6.72
N GLY C 108 13.82 -30.48 -7.16
CA GLY C 108 15.23 -30.30 -6.90
C GLY C 108 15.53 -28.82 -6.78
N TYR C 109 16.35 -28.44 -5.79
CA TYR C 109 16.70 -27.05 -5.52
C TYR C 109 15.47 -26.30 -4.99
N PHE C 110 15.61 -24.97 -4.93
CA PHE C 110 14.54 -24.04 -4.65
C PHE C 110 14.90 -22.75 -5.37
N SER C 111 13.91 -21.85 -5.53
CA SER C 111 14.08 -20.61 -6.26
C SER C 111 13.69 -19.42 -5.38
N ARG C 112 14.40 -18.30 -5.54
CA ARG C 112 13.97 -17.02 -5.00
C ARG C 112 13.15 -16.32 -6.08
N ILE C 113 12.01 -15.73 -5.72
CA ILE C 113 11.16 -14.98 -6.63
C ILE C 113 11.01 -13.56 -6.10
N ASN C 114 11.20 -12.57 -6.97
CA ASN C 114 10.98 -11.16 -6.69
C ASN C 114 9.46 -10.94 -6.80
N LEU C 115 8.84 -10.40 -5.75
CA LEU C 115 7.38 -10.20 -5.71
C LEU C 115 6.89 -9.01 -6.55
N LYS C 116 7.77 -8.13 -7.08
CA LYS C 116 7.40 -7.06 -8.01
C LYS C 116 7.60 -7.46 -9.47
N THR C 117 8.78 -8.03 -9.81
CA THR C 117 9.19 -8.36 -11.18
C THR C 117 8.85 -9.80 -11.59
N PHE C 118 8.75 -10.75 -10.62
CA PHE C 118 8.62 -12.19 -10.87
C PHE C 118 9.90 -12.80 -11.45
N GLU C 119 11.08 -12.14 -11.33
CA GLU C 119 12.37 -12.72 -11.65
C GLU C 119 12.61 -13.85 -10.64
N THR C 120 12.94 -15.04 -11.18
CA THR C 120 13.08 -16.27 -10.45
C THR C 120 14.54 -16.72 -10.62
N ILE C 121 15.27 -16.87 -9.51
CA ILE C 121 16.66 -17.31 -9.45
C ILE C 121 16.62 -18.68 -8.79
N THR C 122 17.00 -19.75 -9.51
CA THR C 122 17.06 -21.10 -8.94
C THR C 122 18.45 -21.27 -8.33
N LEU C 123 18.53 -21.59 -7.03
CA LEU C 123 19.76 -21.63 -6.26
C LEU C 123 20.29 -23.04 -6.32
N VAL C 124 21.39 -23.26 -7.05
CA VAL C 124 21.92 -24.60 -7.33
C VAL C 124 23.10 -25.00 -6.43
N SER C 125 23.55 -24.15 -5.49
CA SER C 125 24.77 -24.37 -4.73
C SER C 125 24.55 -24.17 -3.21
N VAL C 126 23.38 -24.55 -2.70
CA VAL C 126 23.01 -24.33 -1.29
C VAL C 126 22.89 -25.72 -0.65
N GLY C 127 24.02 -26.22 -0.15
CA GLY C 127 24.10 -27.55 0.49
C GLY C 127 23.59 -28.68 -0.42
N ASN C 128 22.75 -29.56 0.13
CA ASN C 128 22.13 -30.70 -0.54
C ASN C 128 20.67 -30.41 -0.87
N THR C 129 20.25 -29.12 -1.08
CA THR C 129 18.86 -28.82 -1.50
C THR C 129 18.54 -29.29 -2.93
N TYR C 130 19.53 -29.74 -3.72
CA TYR C 130 19.34 -30.54 -4.95
C TYR C 130 18.44 -31.75 -4.79
N THR C 131 18.32 -32.31 -3.56
CA THR C 131 17.42 -33.43 -3.30
C THR C 131 15.93 -33.10 -3.40
N GLY C 132 15.57 -31.81 -3.29
CA GLY C 132 14.20 -31.36 -3.33
C GLY C 132 13.86 -30.60 -2.04
N THR C 133 12.86 -29.74 -2.16
CA THR C 133 12.39 -28.90 -1.05
C THR C 133 10.86 -28.96 -1.01
N GLY C 134 10.27 -28.87 0.20
CA GLY C 134 8.84 -29.05 0.37
C GLY C 134 8.21 -27.77 0.89
N SER C 135 7.96 -27.71 2.21
CA SER C 135 7.47 -26.48 2.83
C SER C 135 8.61 -25.73 3.54
N GLY C 136 8.18 -24.68 4.23
CA GLY C 136 9.10 -23.83 4.94
C GLY C 136 8.39 -22.63 5.50
N ILE C 137 9.13 -21.80 6.23
CA ILE C 137 8.57 -20.60 6.83
C ILE C 137 9.70 -19.61 7.13
N ALA C 138 9.38 -18.31 7.05
CA ALA C 138 10.25 -17.24 7.51
C ALA C 138 10.02 -17.07 9.00
N TYR C 139 11.10 -17.05 9.79
CA TYR C 139 11.00 -16.93 11.25
C TYR C 139 12.27 -16.30 11.79
N ASN C 140 12.12 -15.17 12.54
CA ASN C 140 13.20 -14.52 13.24
C ASN C 140 14.43 -14.28 12.36
N GLY C 141 14.19 -13.78 11.13
CA GLY C 141 15.24 -13.47 10.17
C GLY C 141 15.85 -14.65 9.40
N LYS C 142 15.33 -15.90 9.56
CA LYS C 142 15.78 -17.08 8.85
C LYS C 142 14.63 -17.71 8.07
N LEU C 143 14.95 -18.24 6.89
CA LEU C 143 14.12 -19.21 6.19
C LEU C 143 14.39 -20.56 6.86
N ILE C 144 13.36 -21.23 7.36
CA ILE C 144 13.40 -22.63 7.79
C ILE C 144 12.89 -23.43 6.60
N LEU C 145 13.65 -24.42 6.11
CA LEU C 145 13.39 -25.09 4.86
C LEU C 145 13.37 -26.61 5.05
N ASN C 146 12.26 -27.23 4.65
CA ASN C 146 12.07 -28.68 4.59
C ASN C 146 12.80 -29.18 3.35
N VAL C 147 13.90 -29.90 3.53
CA VAL C 147 14.72 -30.47 2.47
C VAL C 147 14.38 -31.97 2.44
N ASN C 148 14.54 -32.59 1.26
CA ASN C 148 14.24 -34.00 1.07
C ASN C 148 15.38 -34.82 1.67
N SER C 149 15.17 -35.26 2.94
CA SER C 149 16.13 -36.11 3.63
C SER C 149 16.28 -37.51 3.01
N SER C 150 15.32 -38.00 2.21
CA SER C 150 15.43 -39.29 1.51
C SER C 150 16.44 -39.26 0.36
N GLY C 151 16.81 -38.10 -0.19
CA GLY C 151 17.85 -38.02 -1.22
C GLY C 151 19.28 -38.19 -0.73
N TRP C 152 20.23 -38.11 -1.67
CA TRP C 152 21.66 -38.30 -1.41
C TRP C 152 22.19 -37.27 -0.40
N GLY C 153 22.96 -37.76 0.59
CA GLY C 153 23.49 -36.94 1.68
C GLY C 153 22.52 -36.68 2.85
N SER C 154 21.25 -37.12 2.79
CA SER C 154 20.29 -37.11 3.89
C SER C 154 20.14 -35.72 4.52
N PRO C 155 19.96 -34.61 3.73
CA PRO C 155 19.92 -33.27 4.31
C PRO C 155 18.74 -33.11 5.29
N LYS C 156 19.04 -32.58 6.48
CA LYS C 156 18.04 -32.23 7.47
C LYS C 156 17.54 -30.80 7.21
N VAL C 157 16.60 -30.31 8.04
CA VAL C 157 16.03 -28.97 7.88
C VAL C 157 17.15 -27.92 7.87
N TYR C 158 17.10 -27.00 6.87
CA TYR C 158 18.03 -25.90 6.75
C TYR C 158 17.44 -24.63 7.33
N THR C 159 18.32 -23.79 7.88
CA THR C 159 18.05 -22.40 8.19
C THR C 159 18.98 -21.56 7.32
N ILE C 160 18.43 -20.53 6.67
CA ILE C 160 19.14 -19.64 5.77
C ILE C 160 18.83 -18.21 6.20
N ASP C 161 19.84 -17.31 6.29
CA ASP C 161 19.62 -15.91 6.64
C ASP C 161 18.82 -15.22 5.50
N ILE C 162 17.69 -14.58 5.83
CA ILE C 162 16.81 -13.91 4.87
C ILE C 162 17.54 -12.74 4.19
N ALA C 163 18.24 -11.90 4.98
CA ALA C 163 18.97 -10.73 4.44
C ALA C 163 19.99 -11.14 3.36
N GLU C 164 20.72 -12.24 3.61
CA GLU C 164 21.64 -12.84 2.62
C GLU C 164 20.92 -13.36 1.38
N LEU C 165 19.82 -14.10 1.58
CA LEU C 165 18.97 -14.61 0.49
C LEU C 165 18.38 -13.47 -0.36
N CYS C 166 18.02 -12.33 0.26
CA CYS C 166 17.44 -11.16 -0.41
C CYS C 166 18.47 -10.19 -0.99
N SER C 167 19.78 -10.52 -1.01
CA SER C 167 20.79 -9.66 -1.61
C SER C 167 20.46 -9.39 -3.09
N PRO C 168 20.44 -8.13 -3.60
CA PRO C 168 20.17 -7.87 -5.02
C PRO C 168 21.18 -8.48 -6.02
N ASP C 169 22.40 -8.82 -5.57
CA ASP C 169 23.43 -9.45 -6.40
C ASP C 169 23.39 -10.97 -6.37
N LEU C 170 22.40 -11.62 -5.70
CA LEU C 170 22.26 -13.06 -5.63
C LEU C 170 22.22 -13.66 -7.05
N LYS C 171 23.06 -14.69 -7.27
CA LYS C 171 23.16 -15.40 -8.52
C LYS C 171 22.93 -16.89 -8.26
N PRO C 172 22.43 -17.68 -9.26
CA PRO C 172 22.15 -19.10 -9.09
C PRO C 172 23.23 -19.97 -8.42
N THR C 173 24.51 -19.69 -8.66
CA THR C 173 25.66 -20.49 -8.23
C THR C 173 26.26 -19.97 -6.91
N ASP C 174 25.70 -18.93 -6.25
CA ASP C 174 26.24 -18.41 -5.00
C ASP C 174 26.00 -19.40 -3.86
N LYS C 175 27.03 -19.57 -3.00
CA LYS C 175 26.98 -20.48 -1.85
C LYS C 175 26.38 -19.71 -0.68
N VAL C 176 25.06 -19.66 -0.63
CA VAL C 176 24.33 -18.98 0.44
C VAL C 176 24.58 -19.82 1.70
N ALA C 177 25.01 -19.18 2.80
CA ALA C 177 25.28 -19.84 4.06
C ALA C 177 24.00 -20.45 4.63
N PHE C 178 24.12 -21.68 5.14
CA PHE C 178 23.02 -22.36 5.81
C PHE C 178 23.57 -23.04 7.06
N GLN C 179 22.66 -23.38 7.97
CA GLN C 179 22.93 -24.19 9.14
C GLN C 179 21.89 -25.31 9.06
N GLU C 180 22.30 -26.52 9.43
CA GLU C 180 21.41 -27.69 9.46
C GLU C 180 20.90 -27.83 10.89
N LEU C 181 19.57 -27.89 11.08
CA LEU C 181 18.96 -28.26 12.36
C LEU C 181 18.90 -29.78 12.41
N ASP C 182 18.80 -30.33 13.64
CA ASP C 182 18.66 -31.77 13.86
C ASP C 182 17.18 -32.20 13.70
N ILE C 183 16.64 -32.08 12.47
CA ILE C 183 15.26 -32.36 12.11
C ILE C 183 15.33 -33.08 10.77
N ALA C 184 15.26 -34.43 10.77
CA ALA C 184 15.13 -35.23 9.56
C ALA C 184 13.72 -35.07 9.00
N THR C 185 13.58 -34.87 7.67
CA THR C 185 12.28 -34.82 7.02
C THR C 185 12.35 -35.73 5.80
N TYR C 186 12.11 -37.03 6.03
CA TYR C 186 11.96 -38.06 4.99
C TYR C 186 10.53 -37.98 4.48
N GLY C 187 10.23 -36.88 3.83
CA GLY C 187 8.91 -36.49 3.38
C GLY C 187 8.64 -35.01 3.60
N GLY C 188 7.51 -34.56 3.05
CA GLY C 188 7.05 -33.21 3.26
C GLY C 188 6.56 -33.03 4.69
N THR C 189 6.84 -31.86 5.26
CA THR C 189 6.38 -31.44 6.58
C THR C 189 5.79 -30.05 6.44
N ARG C 190 5.21 -29.57 7.54
CA ARG C 190 4.63 -28.23 7.62
C ARG C 190 5.08 -27.59 8.92
N PHE C 191 4.89 -26.26 8.98
CA PHE C 191 5.43 -25.39 10.01
C PHE C 191 4.28 -24.58 10.59
N VAL C 192 4.14 -24.57 11.93
CA VAL C 192 3.07 -23.83 12.62
C VAL C 192 3.76 -22.87 13.60
N GLN C 193 3.43 -21.58 13.50
CA GLN C 193 3.87 -20.55 14.44
C GLN C 193 2.83 -20.41 15.55
N CYS C 194 3.28 -20.41 16.81
CA CYS C 194 2.41 -20.29 17.98
C CYS C 194 2.69 -18.99 18.73
N LYS C 195 1.74 -18.63 19.62
CA LYS C 195 1.78 -17.41 20.43
C LYS C 195 2.87 -17.43 21.52
N ASP C 196 3.46 -18.59 21.84
CA ASP C 196 4.75 -18.64 22.55
C ASP C 196 5.96 -18.06 21.79
N GLY C 197 5.84 -17.68 20.49
CA GLY C 197 6.91 -17.16 19.68
C GLY C 197 7.78 -18.28 19.08
N ASN C 198 7.33 -19.56 19.07
CA ASN C 198 8.07 -20.71 18.58
C ASN C 198 7.40 -21.24 17.31
N ILE C 199 8.17 -22.05 16.56
CA ILE C 199 7.71 -22.78 15.39
C ILE C 199 7.61 -24.25 15.79
N TYR C 200 6.57 -24.94 15.28
CA TYR C 200 6.34 -26.36 15.48
C TYR C 200 6.36 -27.05 14.12
N THR C 201 7.05 -28.18 14.03
CA THR C 201 7.09 -29.01 12.83
C THR C 201 7.15 -30.49 13.23
N VAL C 202 7.18 -31.36 12.20
CA VAL C 202 7.21 -32.80 12.34
C VAL C 202 8.50 -33.30 11.71
N GLU C 203 9.38 -33.89 12.55
CA GLU C 203 10.46 -34.75 12.10
C GLU C 203 9.89 -36.10 11.71
N THR C 204 10.33 -36.66 10.56
CA THR C 204 10.20 -38.07 10.24
C THR C 204 11.60 -38.57 9.91
N THR C 205 12.11 -39.56 10.70
CA THR C 205 13.48 -40.05 10.59
C THR C 205 13.55 -41.10 9.48
N LYS C 206 14.80 -41.56 9.19
CA LYS C 206 15.12 -42.64 8.27
C LYS C 206 14.32 -43.92 8.56
N ASP C 207 14.14 -44.27 9.85
CA ASP C 207 13.38 -45.43 10.30
C ASP C 207 11.87 -45.18 10.43
N GLY C 208 11.30 -44.03 10.01
CA GLY C 208 9.87 -43.74 10.04
C GLY C 208 9.32 -43.27 11.40
N LYS C 209 10.16 -42.96 12.42
CA LYS C 209 9.72 -42.40 13.69
C LYS C 209 9.35 -40.93 13.48
N ASN C 210 8.27 -40.47 14.14
CA ASN C 210 7.70 -39.14 13.97
C ASN C 210 7.86 -38.40 15.29
N ASN C 211 8.50 -37.21 15.27
CA ASN C 211 8.66 -36.33 16.43
C ASN C 211 8.01 -35.00 16.14
N LEU C 212 7.21 -34.48 17.10
CA LEU C 212 6.82 -33.07 17.12
C LEU C 212 8.02 -32.27 17.66
N VAL C 213 8.45 -31.23 16.92
CA VAL C 213 9.66 -30.48 17.19
C VAL C 213 9.25 -29.03 17.47
N ARG C 214 9.63 -28.48 18.63
CA ARG C 214 9.60 -27.05 18.90
C ARG C 214 10.94 -26.48 18.47
N ILE C 215 10.91 -25.43 17.63
CA ILE C 215 12.06 -24.63 17.26
C ILE C 215 11.88 -23.33 18.02
N ASN C 216 12.85 -23.03 18.92
CA ASN C 216 12.87 -21.84 19.77
C ASN C 216 13.40 -20.66 18.96
N ALA C 217 13.35 -19.45 19.52
CA ALA C 217 13.82 -18.23 18.85
C ALA C 217 15.33 -18.16 18.64
N ASP C 218 16.11 -18.85 19.49
CA ASP C 218 17.54 -19.14 19.26
C ASP C 218 17.83 -20.31 18.30
N PHE C 219 16.81 -21.01 17.72
CA PHE C 219 16.94 -22.21 16.88
C PHE C 219 17.44 -23.44 17.66
N SER C 220 17.33 -23.47 19.03
CA SER C 220 17.42 -24.70 19.80
C SER C 220 16.11 -25.48 19.63
N LEU C 221 16.18 -26.80 19.85
CA LEU C 221 15.10 -27.75 19.57
C LEU C 221 14.66 -28.39 20.88
N LYS C 222 13.36 -28.72 20.96
CA LYS C 222 12.83 -29.69 21.92
C LYS C 222 11.94 -30.66 21.13
N LYS C 223 12.10 -31.99 21.35
CA LYS C 223 11.37 -33.04 20.63
C LYS C 223 10.55 -33.91 21.59
N VAL C 224 9.34 -34.31 21.15
CA VAL C 224 8.51 -35.32 21.79
C VAL C 224 7.94 -36.24 20.72
N ALA C 225 7.69 -37.52 21.06
CA ALA C 225 7.26 -38.53 20.08
C ALA C 225 5.79 -38.30 19.69
N MET C 226 5.49 -38.24 18.39
CA MET C 226 4.15 -38.38 17.83
C MET C 226 3.82 -39.86 17.65
N ARG C 227 2.58 -40.15 17.25
CA ARG C 227 2.16 -41.49 16.87
C ARG C 227 3.04 -42.05 15.72
N ASP C 228 3.42 -43.34 15.85
CA ASP C 228 4.18 -44.02 14.80
C ASP C 228 3.45 -44.12 13.44
N ASP C 229 2.11 -44.18 13.43
CA ASP C 229 1.29 -44.30 12.22
C ASP C 229 1.01 -42.95 11.53
N TYR C 230 1.56 -41.79 12.01
CA TYR C 230 1.65 -40.59 11.19
C TYR C 230 2.57 -40.89 9.98
N SER C 231 2.18 -40.37 8.80
CA SER C 231 2.99 -40.37 7.60
C SER C 231 3.19 -38.93 7.16
N PRO C 232 4.42 -38.49 6.78
CA PRO C 232 4.59 -37.27 6.01
C PRO C 232 4.03 -37.45 4.58
N SER C 233 3.89 -36.35 3.84
CA SER C 233 3.70 -36.46 2.38
C SER C 233 5.00 -36.98 1.73
N SER C 234 4.92 -37.51 0.51
CA SER C 234 6.03 -38.15 -0.17
C SER C 234 6.58 -37.15 -1.18
N PHE C 235 7.92 -37.02 -1.26
CA PHE C 235 8.57 -36.36 -2.39
C PHE C 235 8.37 -37.12 -3.71
N GLY C 236 7.94 -38.40 -3.71
CA GLY C 236 7.54 -39.13 -4.93
C GLY C 236 6.43 -38.43 -5.73
N ALA C 237 5.45 -37.86 -5.01
CA ALA C 237 4.38 -37.05 -5.60
C ALA C 237 4.00 -36.02 -4.54
N TYR C 238 4.74 -34.89 -4.53
CA TYR C 238 4.69 -33.92 -3.47
C TYR C 238 3.27 -33.39 -3.27
N ARG C 239 2.80 -33.43 -2.02
CA ARG C 239 1.62 -32.74 -1.56
C ARG C 239 1.97 -32.11 -0.22
N GLU C 240 1.14 -31.13 0.18
CA GLU C 240 1.23 -30.62 1.54
C GLU C 240 0.91 -31.72 2.54
N ALA C 241 1.73 -31.86 3.59
CA ALA C 241 1.50 -32.81 4.67
C ALA C 241 0.24 -32.46 5.47
N SER C 242 -0.30 -33.44 6.20
CA SER C 242 -1.53 -33.24 6.99
C SER C 242 -1.31 -32.39 8.24
N PHE C 243 -0.07 -32.31 8.77
CA PHE C 243 0.23 -31.56 9.98
C PHE C 243 -0.16 -30.09 9.85
N CYS C 244 -0.94 -29.60 10.81
CA CYS C 244 -1.37 -28.22 10.89
C CYS C 244 -1.66 -27.89 12.35
N GLY C 245 -2.02 -26.63 12.60
CA GLY C 245 -2.28 -26.22 13.96
C GLY C 245 -2.70 -24.76 14.11
N THR C 246 -2.99 -24.39 15.38
CA THR C 246 -3.48 -23.06 15.73
C THR C 246 -2.34 -22.26 16.39
N PRO C 247 -2.43 -20.90 16.47
CA PRO C 247 -1.60 -20.08 17.36
C PRO C 247 -1.56 -20.48 18.85
N GLU C 248 -2.65 -21.10 19.36
CA GLU C 248 -2.78 -21.54 20.74
C GLU C 248 -1.98 -22.83 21.03
N GLY C 249 -1.38 -23.52 20.03
CA GLY C 249 -0.60 -24.73 20.25
C GLY C 249 -1.46 -26.01 20.27
N ILE C 250 -2.61 -26.00 19.56
CA ILE C 250 -3.40 -27.20 19.28
C ILE C 250 -3.00 -27.58 17.86
N PHE C 251 -2.48 -28.81 17.70
CA PHE C 251 -2.03 -29.38 16.43
C PHE C 251 -2.99 -30.48 16.01
N TYR C 252 -3.04 -30.71 14.69
CA TYR C 252 -3.87 -31.73 14.07
C TYR C 252 -3.02 -32.49 13.07
N TYR C 253 -3.24 -33.82 13.00
CA TYR C 253 -2.62 -34.64 11.98
C TYR C 253 -3.44 -35.91 11.72
N ILE C 254 -3.22 -36.49 10.53
CA ILE C 254 -3.79 -37.75 10.12
C ILE C 254 -2.74 -38.81 10.48
N ALA C 255 -3.20 -39.92 11.11
CA ALA C 255 -2.34 -41.02 11.47
C ALA C 255 -3.17 -42.31 11.39
N GLY C 256 -2.69 -43.33 10.65
CA GLY C 256 -3.45 -44.55 10.39
C GLY C 256 -4.86 -44.32 9.85
N GLY C 257 -5.03 -43.32 8.96
CA GLY C 257 -6.31 -42.95 8.37
C GLY C 257 -7.33 -42.28 9.30
N LYS C 258 -6.90 -41.73 10.46
CA LYS C 258 -7.78 -41.09 11.45
C LYS C 258 -7.23 -39.72 11.81
N ILE C 259 -8.13 -38.82 12.26
CA ILE C 259 -7.79 -37.45 12.65
C ILE C 259 -7.46 -37.45 14.14
N TYR C 260 -6.30 -36.89 14.53
CA TYR C 260 -5.90 -36.67 15.91
C TYR C 260 -5.77 -35.17 16.17
N LYS C 261 -6.25 -34.74 17.35
CA LYS C 261 -5.92 -33.47 17.99
C LYS C 261 -4.80 -33.72 18.99
N ALA C 262 -3.72 -32.90 18.93
CA ALA C 262 -2.52 -33.07 19.75
C ALA C 262 -2.02 -31.71 20.25
N THR C 263 -1.20 -31.76 21.31
CA THR C 263 -0.45 -30.62 21.85
C THR C 263 0.99 -31.07 22.10
N PHE C 264 1.86 -30.13 22.46
CA PHE C 264 3.23 -30.47 22.84
C PHE C 264 3.29 -31.37 24.09
N ASP C 265 2.40 -31.15 25.07
CA ASP C 265 2.25 -32.02 26.24
C ASP C 265 1.55 -33.37 25.95
N ASN C 266 0.65 -33.46 24.92
CA ASN C 266 -0.04 -34.69 24.52
C ASN C 266 0.18 -34.93 23.02
N PRO C 267 1.43 -35.21 22.57
CA PRO C 267 1.75 -35.34 21.14
C PRO C 267 1.29 -36.61 20.44
N ALA C 268 1.08 -37.73 21.18
CA ALA C 268 0.76 -39.05 20.64
C ALA C 268 -0.55 -39.53 21.29
N PRO C 269 -1.71 -38.84 21.08
CA PRO C 269 -2.99 -39.27 21.67
C PRO C 269 -3.47 -40.64 21.18
N GLU C 270 -3.97 -41.50 22.09
CA GLU C 270 -4.71 -42.71 21.74
C GLU C 270 -6.12 -42.39 21.23
N GLU C 271 -6.80 -41.38 21.80
CA GLU C 271 -8.13 -40.95 21.37
C GLU C 271 -8.03 -40.13 20.08
N THR C 272 -8.89 -40.42 19.10
CA THR C 272 -9.10 -39.60 17.90
C THR C 272 -9.87 -38.32 18.24
N LEU C 273 -9.76 -37.31 17.37
CA LEU C 273 -10.69 -36.17 17.34
C LEU C 273 -12.11 -36.64 17.03
N THR C 274 -12.25 -37.45 15.99
CA THR C 274 -13.52 -37.99 15.51
C THR C 274 -13.30 -39.39 14.96
N GLU C 275 -14.34 -40.23 15.07
CA GLU C 275 -14.47 -41.52 14.39
C GLU C 275 -15.29 -41.43 13.09
N TYR C 276 -15.58 -40.23 12.52
CA TYR C 276 -16.30 -40.04 11.26
C TYR C 276 -15.65 -40.88 10.15
N THR C 277 -16.50 -41.66 9.44
CA THR C 277 -16.20 -42.28 8.15
C THR C 277 -17.37 -42.06 7.19
N LYS C 278 -17.08 -42.09 5.89
CA LYS C 278 -18.05 -42.34 4.83
C LYS C 278 -17.50 -43.51 4.02
N GLU C 279 -18.34 -44.53 3.76
CA GLU C 279 -17.87 -45.79 3.22
C GLU C 279 -17.43 -45.57 1.78
N GLY C 280 -16.21 -46.06 1.44
CA GLY C 280 -15.58 -45.82 0.16
C GLY C 280 -14.79 -44.51 0.02
N TYR C 281 -14.81 -43.56 0.97
CA TYR C 281 -14.10 -42.28 0.92
C TYR C 281 -12.83 -42.38 1.79
N GLY C 282 -11.67 -41.97 1.24
CA GLY C 282 -10.39 -41.89 1.94
C GLY C 282 -9.85 -40.48 1.82
N PHE C 283 -8.98 -40.08 2.76
CA PHE C 283 -8.31 -38.78 2.69
C PHE C 283 -7.48 -38.63 1.42
N TYR C 284 -7.47 -37.41 0.84
CA TYR C 284 -6.65 -37.05 -0.30
C TYR C 284 -6.07 -35.64 -0.05
N GLY C 285 -4.98 -35.29 -0.77
CA GLY C 285 -4.39 -33.99 -0.66
C GLY C 285 -3.76 -33.80 0.72
N ALA C 286 -3.88 -32.56 1.24
CA ALA C 286 -3.51 -32.24 2.61
C ALA C 286 -4.34 -32.99 3.64
N GLY C 287 -5.57 -33.42 3.30
CA GLY C 287 -6.38 -34.26 4.16
C GLY C 287 -7.15 -33.38 5.14
N ILE C 288 -6.45 -32.60 5.99
CA ILE C 288 -7.06 -31.70 6.96
C ILE C 288 -6.39 -30.33 7.01
N ARG C 289 -7.20 -29.29 7.32
CA ARG C 289 -6.72 -27.98 7.73
C ARG C 289 -7.62 -27.39 8.81
N VAL C 290 -6.99 -26.66 9.76
CA VAL C 290 -7.68 -26.00 10.86
C VAL C 290 -7.79 -24.52 10.51
N ASN C 291 -8.99 -23.92 10.75
CA ASN C 291 -9.23 -22.50 10.76
C ASN C 291 -9.20 -22.06 12.23
N PRO C 292 -8.08 -21.46 12.75
CA PRO C 292 -8.05 -20.96 14.13
C PRO C 292 -9.08 -19.89 14.48
N LYS C 293 -9.47 -19.03 13.50
CA LYS C 293 -10.44 -17.96 13.73
C LYS C 293 -11.86 -18.48 14.04
N THR C 294 -12.30 -19.64 13.48
CA THR C 294 -13.64 -20.20 13.62
C THR C 294 -13.70 -21.49 14.45
N ASN C 295 -12.58 -22.08 14.96
CA ASN C 295 -12.58 -23.38 15.65
C ASN C 295 -13.17 -24.49 14.77
N GLU C 296 -12.78 -24.51 13.47
CA GLU C 296 -13.28 -25.44 12.47
C GLU C 296 -12.09 -26.22 11.90
N LEU C 297 -12.24 -27.56 11.81
CA LEU C 297 -11.33 -28.41 11.08
C LEU C 297 -12.06 -28.87 9.83
N LEU C 298 -11.42 -28.66 8.66
CA LEU C 298 -11.92 -29.15 7.38
C LEU C 298 -11.14 -30.36 6.91
N ALA C 299 -11.87 -31.35 6.37
CA ALA C 299 -11.34 -32.63 5.93
C ALA C 299 -11.75 -32.86 4.47
N MET C 300 -10.83 -33.37 3.63
CA MET C 300 -11.05 -33.60 2.20
C MET C 300 -10.81 -35.09 1.92
N TYR C 301 -11.78 -35.71 1.22
CA TYR C 301 -11.80 -37.11 0.89
C TYR C 301 -12.25 -37.27 -0.57
N LEU C 302 -11.85 -38.41 -1.18
CA LEU C 302 -12.45 -38.87 -2.42
C LEU C 302 -12.55 -40.40 -2.43
N THR C 303 -13.31 -40.90 -3.41
CA THR C 303 -13.45 -42.34 -3.63
C THR C 303 -12.21 -42.94 -4.28
N GLY C 304 -12.15 -44.30 -4.31
CA GLY C 304 -11.06 -45.07 -4.90
C GLY C 304 -10.80 -44.83 -6.39
N ASP C 305 -11.84 -44.48 -7.15
CA ASP C 305 -11.75 -44.09 -8.56
C ASP C 305 -11.63 -42.58 -8.79
N TYR C 306 -11.63 -41.76 -7.72
CA TYR C 306 -11.37 -40.32 -7.76
C TYR C 306 -12.52 -39.51 -8.39
N GLN C 307 -13.70 -40.12 -8.68
CA GLN C 307 -14.81 -39.49 -9.39
C GLN C 307 -15.75 -38.72 -8.45
N LYS C 308 -15.73 -39.01 -7.11
CA LYS C 308 -16.60 -38.44 -6.10
C LYS C 308 -15.74 -37.86 -4.98
N ASN C 309 -16.12 -36.67 -4.49
CA ASN C 309 -15.36 -35.85 -3.55
C ASN C 309 -16.23 -35.58 -2.33
N LEU C 310 -15.60 -35.38 -1.15
CA LEU C 310 -16.29 -35.14 0.12
C LEU C 310 -15.48 -34.13 0.92
N LEU C 311 -16.14 -33.04 1.36
CA LEU C 311 -15.61 -32.09 2.33
C LEU C 311 -16.44 -32.22 3.59
N VAL C 312 -15.77 -32.29 4.76
CA VAL C 312 -16.43 -32.39 6.06
C VAL C 312 -15.84 -31.28 6.94
N ARG C 313 -16.72 -30.55 7.65
CA ARG C 313 -16.41 -29.47 8.57
C ARG C 313 -16.75 -29.95 9.96
N PHE C 314 -15.71 -30.04 10.82
CA PHE C 314 -15.83 -30.45 12.22
C PHE C 314 -15.60 -29.24 13.13
N ASN C 315 -16.19 -29.31 14.34
CA ASN C 315 -15.73 -28.54 15.48
C ASN C 315 -14.32 -29.01 15.83
N ALA C 316 -13.33 -28.09 15.79
CA ALA C 316 -11.93 -28.42 16.03
C ALA C 316 -11.62 -28.73 17.51
N ALA C 317 -12.46 -28.30 18.48
CA ALA C 317 -12.33 -28.64 19.90
C ALA C 317 -12.94 -30.01 20.21
N THR C 318 -14.22 -30.20 19.87
CA THR C 318 -15.02 -31.38 20.26
C THR C 318 -14.91 -32.54 19.25
N GLY C 319 -14.66 -32.26 17.95
CA GLY C 319 -14.77 -33.23 16.89
C GLY C 319 -16.18 -33.50 16.36
N GLU C 320 -17.24 -32.80 16.82
CA GLU C 320 -18.60 -32.97 16.31
C GLU C 320 -18.65 -32.49 14.85
N LYS C 321 -19.34 -33.24 13.98
CA LYS C 321 -19.54 -32.84 12.59
C LYS C 321 -20.51 -31.65 12.55
N ILE C 322 -20.11 -30.54 11.88
CA ILE C 322 -20.92 -29.36 11.68
C ILE C 322 -21.68 -29.51 10.36
N SER C 323 -20.98 -29.82 9.28
CA SER C 323 -21.55 -30.02 7.96
C SER C 323 -20.65 -30.91 7.09
N GLU C 324 -21.24 -31.32 5.96
CA GLU C 324 -20.49 -31.91 4.86
C GLU C 324 -21.10 -31.55 3.51
N ILE C 325 -20.31 -31.78 2.43
CA ILE C 325 -20.78 -31.70 1.06
C ILE C 325 -20.08 -32.79 0.22
N ALA C 326 -20.88 -33.56 -0.53
CA ALA C 326 -20.46 -34.57 -1.49
C ALA C 326 -20.67 -34.01 -2.91
N TYR C 327 -19.69 -34.16 -3.82
CA TYR C 327 -19.83 -33.70 -5.20
C TYR C 327 -18.97 -34.53 -6.15
N ASP C 328 -19.41 -34.61 -7.42
CA ASP C 328 -18.76 -35.40 -8.47
C ASP C 328 -17.73 -34.55 -9.21
N GLY C 329 -16.70 -35.23 -9.77
CA GLY C 329 -15.79 -34.70 -10.78
C GLY C 329 -14.33 -35.04 -10.44
N TYR C 330 -13.47 -34.98 -11.47
CA TYR C 330 -12.02 -35.18 -11.34
C TYR C 330 -11.38 -33.87 -10.90
N TYR C 331 -11.50 -33.54 -9.60
CA TYR C 331 -10.97 -32.33 -9.00
C TYR C 331 -9.61 -32.59 -8.35
N PHE C 332 -9.45 -33.71 -7.61
CA PHE C 332 -8.23 -34.06 -6.88
C PHE C 332 -7.87 -32.93 -5.89
N PRO C 333 -8.72 -32.67 -4.85
CA PRO C 333 -8.45 -31.60 -3.88
C PRO C 333 -7.04 -31.63 -3.28
N ALA C 334 -6.33 -30.48 -3.29
CA ALA C 334 -4.93 -30.35 -2.84
C ALA C 334 -4.85 -29.85 -1.41
N THR C 335 -5.52 -28.71 -1.12
CA THR C 335 -5.49 -28.10 0.21
C THR C 335 -6.67 -27.14 0.39
N PHE C 336 -6.81 -26.67 1.64
CA PHE C 336 -7.80 -25.67 2.04
C PHE C 336 -7.08 -24.35 2.27
N ILE C 337 -7.73 -23.25 1.92
CA ILE C 337 -7.33 -21.89 2.32
C ILE C 337 -8.54 -21.21 2.97
N PHE C 338 -8.32 -20.61 4.15
CA PHE C 338 -9.30 -19.79 4.86
C PHE C 338 -8.88 -18.32 4.69
N ASN C 339 -9.79 -17.45 4.26
CA ASN C 339 -9.53 -16.00 4.12
C ASN C 339 -9.69 -15.27 5.47
CO CNC D . 18.19 31.66 -12.62
N21 CNC D . 16.92 30.35 -12.03
N22 CNC D . 18.83 31.85 -10.79
N23 CNC D . 19.47 32.92 -13.40
N24 CNC D . 17.60 31.22 -14.39
C1 CNC D . 15.90 29.95 -13.07
C20 CNC D . 14.80 31.00 -13.07
C2 CNC D . 15.42 28.52 -12.52
C25 CNC D . 13.99 28.07 -12.87
C26 CNC D . 16.41 27.36 -12.93
C27 CNC D . 16.16 25.98 -12.38
O28 CNC D . 16.11 25.76 -11.16
N29 CNC D . 15.72 25.13 -13.29
C3 CNC D . 15.63 28.83 -10.99
C30 CNC D . 14.45 29.19 -10.07
C31 CNC D . 13.74 27.97 -9.47
C32 CNC D . 12.60 28.41 -8.58
O34 CNC D . 12.82 29.23 -7.68
N33 CNC D . 11.38 28.00 -8.90
C4 CNC D . 16.87 29.73 -10.89
C5 CNC D . 17.76 29.88 -9.80
C35 CNC D . 17.72 28.82 -8.68
C6 CNC D . 18.63 31.02 -9.69
C7 CNC D . 19.54 31.49 -8.53
C36 CNC D . 18.98 31.28 -7.10
C37 CNC D . 20.89 30.72 -8.73
C38 CNC D . 21.89 30.95 -7.61
O39 CNC D . 22.41 32.06 -7.52
N40 CNC D . 22.08 29.98 -6.72
C8 CNC D . 19.65 33.02 -8.90
C41 CNC D . 18.63 33.99 -8.26
C42 CNC D . 18.48 35.42 -8.83
C43 CNC D . 17.45 36.20 -8.04
O44 CNC D . 17.56 36.30 -6.81
N45 CNC D . 16.45 36.77 -8.70
C9 CNC D . 19.53 32.92 -10.41
C10 CNC D . 20.13 33.81 -11.25
C11 CNC D . 20.19 33.77 -12.64
C12 CNC D . 21.25 34.50 -13.46
C46 CNC D . 22.54 33.64 -13.46
C47 CNC D . 21.61 35.90 -12.93
C13 CNC D . 20.53 34.50 -14.84
C48 CNC D . 19.66 35.70 -15.32
C49 CNC D . 20.36 36.75 -16.20
C50 CNC D . 20.98 36.21 -17.48
O51 CNC D . 20.27 35.94 -18.46
N52 CNC D . 22.28 35.94 -17.48
C14 CNC D . 19.67 33.23 -14.74
C15 CNC D . 19.10 32.49 -15.84
C53 CNC D . 19.66 32.75 -17.25
C16 CNC D . 18.04 31.50 -15.61
C17 CNC D . 17.20 30.68 -16.63
C54 CNC D . 18.10 29.53 -17.20
C55 CNC D . 16.54 31.49 -17.79
C56 CNC D . 15.98 32.90 -17.51
C57 CNC D . 15.58 33.61 -18.78
O58 CNC D . 16.48 34.14 -19.46
N59 CNC D . 14.31 33.54 -19.19
C18 CNC D . 16.04 30.10 -15.74
C60 CNC D . 15.25 28.88 -16.32
C61 CNC D . 13.73 28.92 -16.41
O63 CNC D . 13.10 29.98 -16.44
N62 CNC D . 13.14 27.73 -16.57
C19 CNC D . 16.74 30.03 -14.37
C1P CNC D . 13.79 34.20 -20.39
C2P CNC D . 13.49 35.66 -20.15
C3P CNC D . 12.99 36.35 -21.40
O3 CNC D . 12.45 35.69 -19.14
O4 CNC D . 11.20 36.56 -17.15
O5 CNC D . 12.91 38.05 -18.24
P CNC D . 12.47 36.68 -17.90
O2 CNC D . 13.67 36.03 -17.02
C3R CNC D . 14.13 36.61 -15.79
C2R CNC D . 13.98 35.70 -14.58
O7R CNC D . 14.13 34.35 -14.99
C1R CNC D . 15.07 36.24 -13.65
O6R CNC D . 16.09 36.80 -14.47
C4R CNC D . 15.65 36.87 -15.82
C5R CNC D . 16.07 38.22 -16.38
O8R CNC D . 16.84 37.98 -17.54
N1B CNC D . 15.63 35.20 -12.81
C8B CNC D . 15.16 34.85 -11.55
C2B CNC D . 16.53 34.27 -13.15
N3B CNC D . 16.73 33.41 -12.22
C9B CNC D . 15.89 33.72 -11.17
C4B CNC D . 15.66 33.10 -9.94
C5B CNC D . 14.72 33.61 -9.03
C5M CNC D . 14.50 32.86 -7.69
C6B CNC D . 13.99 34.82 -9.40
C6M CNC D . 12.96 35.49 -8.50
C7B CNC D . 14.22 35.41 -10.68
N1A CNC D . 20.43 29.40 -12.97
C1A CNC D . 19.55 30.31 -12.77
H201 CNC D . 14.10 30.71 -13.62
H202 CNC D . 15.09 31.80 -13.49
H203 CNC D . 14.50 31.20 -12.19
H251 CNC D . 13.75 27.28 -12.39
H252 CNC D . 13.96 27.86 -13.81
H253 CNC D . 13.32 28.74 -12.66
H261 CNC D . 17.34 27.62 -12.68
H262 CNC D . 16.41 27.29 -13.91
H291 CNC D . 15.85 24.27 -13.19
H292 CNC D . 15.09 25.40 -13.82
H3 CNC D . 15.99 28.06 -10.60
H301 CNC D . 13.78 29.72 -10.55
H302 CNC D . 14.79 29.75 -9.33
H311 CNC D . 14.37 27.47 -8.93
H312 CNC D . 13.43 27.38 -10.16
H331 CNC D . 10.69 28.32 -8.46
H332 CNC D . 11.22 27.38 -9.51
H361 CNC D . 19.21 30.42 -6.77
H362 CNC D . 18.01 31.41 -7.08
H363 CNC D . 19.38 31.94 -6.49
H371 CNC D . 21.32 30.99 -9.55
H372 CNC D . 20.70 29.79 -8.82
H401 CNC D . 22.71 30.08 -6.10
H402 CNC D . 21.56 29.26 -6.70
H8 CNC D . 20.57 33.36 -8.72
H411 CNC D . 18.91 34.10 -7.32
H412 CNC D . 17.77 33.57 -8.23
H421 CNC D . 18.21 35.36 -9.76
H422 CNC D . 19.34 35.87 -8.78
H451 CNC D . 15.79 37.15 -8.25
H452 CNC D . 16.46 36.86 -9.59
H10 CNC D . 20.52 34.53 -10.79
H461 CNC D . 23.20 34.04 -14.07
H462 CNC D . 22.34 32.74 -13.77
H463 CNC D . 22.91 33.60 -12.56
H471 CNC D . 22.17 35.82 -12.13
H472 CNC D . 20.79 36.39 -12.70
H473 CNC D . 22.09 36.40 -13.62
H13 CNC D . 21.26 34.36 -15.48
H481 CNC D . 19.29 36.16 -14.53
H482 CNC D . 18.89 35.38 -15.83
H491 CNC D . 21.05 37.19 -15.67
H492 CNC D . 19.71 37.43 -16.44
H521 CNC D . 22.68 35.65 -18.22
H522 CNC D . 22.78 36.02 -16.75
H541 CNC D . 19.00 29.81 -17.34
H542 CNC D . 17.72 29.22 -18.05
H543 CNC D . 18.10 28.78 -16.57
H551 CNC D . 15.78 30.98 -18.12
H552 CNC D . 17.17 31.55 -18.53
H561 CNC D . 16.65 33.45 -17.07
H562 CNC D . 15.23 32.83 -16.91
H59 CNC D . 13.74 33.08 -18.71
H18 CNC D . 15.39 30.83 -15.66
H601 CNC D . 15.50 28.11 -15.80
H602 CNC D . 15.54 28.70 -17.22
H621 CNC D . 12.25 27.69 -16.59
H622 CNC D . 13.61 26.99 -16.68
H1P1 CNC D . 12.97 33.74 -20.67
H1P2 CNC D . 14.44 34.12 -21.12
H2P CNC D . 14.32 36.11 -19.82
H3P1 CNC D . 12.82 37.29 -21.19
H3P2 CNC D . 12.16 35.93 -21.67
H3P3 CNC D . 13.65 36.28 -22.09
H3R CNC D . 13.64 37.45 -15.58
H2R CNC D . 13.09 35.83 -14.17
H1R CNC D . 14.68 36.95 -13.08
H4R CNC D . 16.08 36.12 -16.33
H5R1 CNC D . 16.63 38.74 -15.74
H5R2 CNC D . 15.30 38.77 -16.61
H2B CNC D . 16.98 34.28 -13.98
H4B CNC D . 16.13 32.31 -9.74
H7B CNC D . 13.76 36.22 -10.94
H1 CNC D . 17.36 29.28 -14.39
CO CNC E . -36.63 11.98 12.04
N21 CNC E . -35.20 10.87 11.46
N22 CNC E . -36.60 11.12 13.80
N23 CNC E . -38.11 13.21 12.50
N24 CNC E . -36.43 12.87 10.34
C1 CNC E . -34.92 10.94 9.98
C20 CNC E . -35.90 10.00 9.27
C2 CNC E . -33.40 10.40 9.95
C25 CNC E . -32.95 9.69 8.65
C26 CNC E . -32.40 11.56 10.27
C27 CNC E . -30.94 11.26 10.37
O28 CNC E . -30.57 10.45 11.20
N29 CNC E . -30.21 11.61 9.34
C3 CNC E . -33.45 9.46 11.21
C30 CNC E . -33.71 7.93 11.08
C31 CNC E . -32.40 7.18 10.85
C32 CNC E . -32.63 5.72 10.64
O34 CNC E . -33.29 5.09 11.51
N33 CNC E . -32.19 5.16 9.52
C4 CNC E . -34.40 10.14 12.17
C5 CNC E . -34.44 9.94 13.59
C35 CNC E . -33.18 9.35 14.28
C6 CNC E . -35.56 10.36 14.36
C7 CNC E . -35.87 10.20 15.87
C36 CNC E . -35.42 8.87 16.55
C37 CNC E . -35.26 11.47 16.57
C38 CNC E . -35.41 11.47 18.07
O39 CNC E . -36.53 11.65 18.55
N40 CNC E . -34.38 11.05 18.82
C8 CNC E . -37.43 10.29 15.78
C41 CNC E . -38.20 8.98 15.52
C42 CNC E . -39.63 9.12 15.04
C43 CNC E . -40.34 7.84 14.69
O44 CNC E . -40.14 6.81 15.37
N45 CNC E . -41.20 7.90 13.69
C9 CNC E . -37.56 11.32 14.67
C10 CNC E . -38.57 12.25 14.66
C11 CNC E . -38.82 13.16 13.66
C12 CNC E . -39.71 14.38 13.83
C46 CNC E . -38.91 15.46 14.58
C47 CNC E . -41.03 14.08 14.57
C13 CNC E . -39.92 14.72 12.35
C48 CNC E . -41.10 14.07 11.56
C49 CNC E . -42.51 14.70 11.60
C50 CNC E . -42.44 16.20 11.38
O51 CNC E . -42.05 16.62 10.29
N52 CNC E . -42.59 17.01 12.42
C14 CNC E . -38.62 14.24 11.71
C15 CNC E . -38.09 14.64 10.45
C53 CNC E . -38.68 15.92 9.81
C16 CNC E . -37.01 13.92 9.78
C17 CNC E . -36.31 14.18 8.44
C54 CNC E . -35.36 15.41 8.60
C55 CNC E . -37.23 14.40 7.19
C56 CNC E . -38.49 13.54 7.08
C57 CNC E . -39.37 14.01 5.94
O58 CNC E . -40.10 14.95 6.15
N59 CNC E . -39.28 13.37 4.76
C18 CNC E . -35.52 12.84 8.19
C60 CNC E . -34.36 12.88 7.15
C61 CNC E . -34.27 11.84 6.04
O63 CNC E . -35.25 11.19 5.64
N62 CNC E . -33.07 11.70 5.50
C19 CNC E . -35.24 12.41 9.65
C1P CNC E . -40.00 13.77 3.56
C2P CNC E . -41.41 13.22 3.57
C3P CNC E . -42.20 13.65 2.35
O3 CNC E . -41.31 11.76 3.55
O4 CNC E . -42.03 9.41 4.08
O5 CNC E . -43.48 11.33 4.83
P CNC E . -42.11 10.82 4.56
O2 CNC E . -41.23 11.01 5.87
C3R CNC E . -41.70 10.57 7.15
C2R CNC E . -40.60 9.80 7.88
O7R CNC E . -39.33 10.35 7.60
C1R CNC E . -41.05 9.96 9.34
O6R CNC E . -41.64 11.25 9.43
C4R CNC E . -41.91 11.76 8.10
C5R CNC E . -43.31 12.36 8.13
O8R CNC E . -44.17 11.39 8.67
N1B CNC E . -39.94 9.89 10.27
C8B CNC E . -39.40 8.75 10.82
C2B CNC E . -39.14 10.92 10.63
N3B CNC E . -38.14 10.53 11.35
C9B CNC E . -38.27 9.16 11.51
C4B CNC E . -37.46 8.23 12.19
C5B CNC E . -37.83 6.89 12.26
C5M CNC E . -36.92 5.91 13.01
C6B CNC E . -39.00 6.45 11.52
C6M CNC E . -39.50 5.01 11.57
C7B CNC E . -39.81 7.41 10.85
N1A CNC E . -34.56 14.10 13.19
C1A CNC E . -35.38 13.23 12.81
H201 CNC E . -35.64 9.89 8.38
H202 CNC E . -36.75 10.40 9.20
H203 CNC E . -35.97 9.17 9.73
H251 CNC E . -32.06 9.36 8.73
H252 CNC E . -32.95 10.32 7.93
H253 CNC E . -33.51 8.94 8.43
H261 CNC E . -32.67 12.02 11.10
H262 CNC E . -32.47 12.23 9.55
H291 CNC E . -29.34 11.75 9.42
H292 CNC E . -30.52 11.44 8.53
H3 CNC E . -32.63 9.52 11.64
H301 CNC E . -34.30 7.75 10.32
H302 CNC E . -34.14 7.59 11.89
H311 CNC E . -31.84 7.29 11.61
H312 CNC E . -31.92 7.55 10.10
H331 CNC E . -32.37 4.31 9.38
H332 CNC E . -31.73 5.59 8.90
H361 CNC E . -34.52 8.95 16.91
H362 CNC E . -35.47 8.13 15.91
H363 CNC E . -36.02 8.68 17.30
H371 CNC E . -35.65 12.28 16.26
H372 CNC E . -34.33 11.52 16.34
H401 CNC E . -34.42 11.12 19.71
H402 CNC E . -33.69 10.64 18.45
H8 CNC E . -37.81 10.69 16.60
H411 CNC E . -38.24 8.48 16.36
H412 CNC E . -37.70 8.43 14.90
H421 CNC E . -39.63 9.65 14.24
H422 CNC E . -40.12 9.59 15.71
H451 CNC E . -41.59 7.14 13.41
H452 CNC E . -41.47 8.65 13.30
H10 CNC E . -39.11 12.25 15.43
H461 CNC E . -39.42 16.29 14.60
H462 CNC E . -38.05 15.62 14.16
H463 CNC E . -38.75 15.16 15.50
H471 CNC E . -40.86 14.02 15.53
H472 CNC E . -41.40 13.23 14.28
H473 CNC E . -41.66 14.80 14.41
H13 CNC E . -39.98 15.71 12.32
H481 CNC E . -41.21 13.15 11.89
H482 CNC E . -40.89 13.99 10.61
H491 CNC E . -42.93 14.51 12.45
H492 CNC E . -43.05 14.31 10.89
H521 CNC E . -42.57 17.89 12.30
H522 CNC E . -42.69 16.70 13.24
H541 CNC E . -35.78 16.11 9.09
H542 CNC E . -35.13 15.75 7.72
H543 CNC E . -34.55 15.13 9.05
H551 CNC E . -36.71 14.20 6.39
H552 CNC E . -37.48 15.35 7.12
H561 CNC E . -39.02 13.57 7.88
H562 CNC E . -38.24 12.64 6.94
H59 CNC E . -38.75 12.67 4.69
H18 CNC E . -36.17 12.21 7.84
H601 CNC E . -33.54 12.87 7.65
H602 CNC E . -34.37 13.73 6.70
H621 CNC E . -32.94 11.06 4.89
H622 CNC E . -32.40 12.25 5.69
H1P1 CNC E . -39.52 13.45 2.77
H1P2 CNC E . -40.04 14.76 3.50
H2P CNC E . -41.86 13.54 4.39
H3P1 CNC E . -43.10 13.28 2.41
H3P2 CNC E . -41.76 13.34 1.54
H3P3 CNC E . -42.25 14.63 2.34
H3R CNC E . -42.51 10.00 7.09
H2R CNC E . -40.63 8.84 7.62
H1R CNC E . -41.72 9.26 9.57
H4R CNC E . -41.27 12.46 7.87
H5R1 CNC E . -43.59 12.59 7.23
H5R2 CNC E . -43.30 13.15 8.70
H2B CNC E . -39.24 11.79 10.33
H4B CNC E . -36.73 8.52 12.63
H7B CNC E . -40.59 7.16 10.38
H1 CNC E . -34.55 12.98 10.00
CO CNC F . 0.41 -40.60 -10.21
N21 CNC F . 0.71 -38.73 -10.38
N22 CNC F . 2.34 -40.90 -10.28
N23 CNC F . -0.08 -42.43 -9.94
N24 CNC F . -1.46 -40.10 -9.94
C1 CNC F . -0.53 -37.90 -10.59
C20 CNC F . -0.87 -37.93 -12.07
C2 CNC F . -0.02 -36.48 -10.03
C25 CNC F . -0.75 -35.25 -10.61
C26 CNC F . -0.07 -36.39 -8.46
C27 CNC F . 0.44 -35.15 -7.79
O28 CNC F . 1.61 -34.84 -7.90
N29 CNC F . -0.46 -34.42 -7.15
C3 CNC F . 1.49 -36.58 -10.46
C30 CNC F . 2.03 -35.91 -11.75
C31 CNC F . 2.49 -34.47 -11.47
C32 CNC F . 2.94 -33.76 -12.72
O34 CNC F . 3.92 -34.21 -13.34
N33 CNC F . 2.34 -32.61 -13.08
C4 CNC F . 1.84 -38.04 -10.29
C5 CNC F . 3.17 -38.55 -10.11
C35 CNC F . 4.32 -37.55 -9.78
C6 CNC F . 3.39 -39.95 -10.20
C7 CNC F . 4.73 -40.70 -10.13
C36 CNC F . 5.87 -40.06 -10.99
C37 CNC F . 5.05 -40.75 -8.59
C38 CNC F . 6.27 -41.51 -8.13
O39 CNC F . 7.13 -41.97 -8.93
N40 CNC F . 6.21 -41.85 -6.83
C8 CNC F . 4.33 -42.16 -10.51
C41 CNC F . 4.66 -42.71 -11.89
C42 CNC F . 4.00 -42.16 -13.16
C43 CNC F . 4.46 -42.67 -14.48
O44 CNC F . 4.07 -42.10 -15.52
N45 CNC F . 5.24 -43.72 -14.51
C9 CNC F . 2.83 -42.15 -10.36
C10 CNC F . 2.15 -43.32 -10.27
C11 CNC F . 0.79 -43.47 -10.04
C12 CNC F . 0.16 -44.80 -9.68
C46 CNC F . 0.46 -45.05 -8.19
C47 CNC F . 0.71 -46.02 -10.44
C13 CNC F . -1.32 -44.49 -9.99
C48 CNC F . -1.98 -44.91 -11.34
C49 CNC F . -2.71 -46.26 -11.22
C50 CNC F . -4.14 -46.20 -10.72
O51 CNC F . -4.36 -46.22 -9.50
N52 CNC F . -5.12 -46.05 -11.60
C14 CNC F . -1.35 -42.97 -9.77
C15 CNC F . -2.52 -42.20 -9.56
C53 CNC F . -3.83 -42.96 -9.21
C16 CNC F . -2.52 -40.78 -9.65
C17 CNC F . -3.70 -39.80 -9.43
C54 CNC F . -3.95 -39.71 -7.90
C55 CNC F . -5.02 -40.04 -10.24
C56 CNC F . -4.90 -40.65 -11.65
C57 CNC F . -6.25 -41.12 -12.14
O58 CNC F . -6.60 -42.26 -11.84
N59 CNC F . -6.98 -40.27 -12.88
C18 CNC F . -3.09 -38.48 -10.01
C60 CNC F . -3.73 -37.17 -9.50
C61 CNC F . -4.20 -36.14 -10.49
O63 CNC F . -4.40 -36.42 -11.69
N62 CNC F . -4.38 -34.93 -9.98
C19 CNC F . -1.59 -38.68 -9.78
C1P CNC F . -8.30 -40.57 -13.41
C2P CNC F . -8.18 -41.39 -14.65
C3P CNC F . -9.54 -41.79 -15.17
O3 CNC F . -7.55 -40.48 -15.59
O4 CNC F . -6.01 -39.90 -17.42
O5 CNC F . -6.68 -42.37 -17.12
P CNC F . -6.40 -41.02 -16.57
O2 CNC F . -5.20 -41.02 -15.51
C3R CNC F . -4.03 -41.81 -15.74
C2R CNC F . -2.72 -41.02 -15.52
O7R CNC F . -2.93 -40.06 -14.50
C1R CNC F . -1.74 -42.15 -15.21
O6R CNC F . -2.52 -43.18 -14.60
C4R CNC F . -3.94 -42.91 -14.69
C5R CNC F . -4.72 -44.17 -15.04
O8R CNC F . -4.26 -45.28 -14.27
N1B CNC F . -0.73 -41.63 -14.31
C8B CNC F . 0.30 -40.82 -14.71
C2B CNC F . -0.76 -41.61 -12.96
N3B CNC F . 0.21 -40.89 -12.45
C9B CNC F . 0.93 -40.38 -13.53
C4B CNC F . 2.03 -39.51 -13.59
C5B CNC F . 2.57 -39.13 -14.82
C5M CNC F . 3.77 -38.19 -14.80
C6B CNC F . 1.95 -39.60 -16.03
C6M CNC F . 2.51 -39.27 -17.40
C7B CNC F . 0.82 -40.46 -15.97
N1A CNC F . 0.81 -40.14 -7.14
C1A CNC F . 0.71 -40.38 -8.33
H201 CNC F . -1.56 -37.31 -12.26
H202 CNC F . -1.25 -38.76 -12.32
H203 CNC F . -0.08 -37.75 -12.61
H251 CNC F . -0.31 -34.43 -10.33
H252 CNC F . -1.64 -35.23 -10.26
H253 CNC F . -0.77 -35.24 -11.56
H261 CNC F . 0.41 -37.16 -8.07
H262 CNC F . -1.00 -36.48 -8.17
H291 CNC F . -0.21 -33.89 -6.48
H292 CNC F . -1.19 -34.27 -7.55
H3 CNC F . 2.00 -36.20 -9.76
H301 CNC F . 1.34 -35.88 -12.43
H302 CNC F . 2.78 -36.42 -12.13
H311 CNC F . 3.23 -34.49 -10.85
H312 CNC F . 1.79 -33.96 -11.04
H331 CNC F . 2.55 -32.23 -13.84
H332 CNC F . 1.73 -32.21 -12.57
H361 CNC F . 6.39 -39.44 -10.46
H362 CNC F . 5.48 -39.60 -11.77
H363 CNC F . 6.49 -40.72 -11.29
H371 CNC F . 4.28 -41.14 -8.13
H372 CNC F . 5.11 -39.87 -8.25
H401 CNC F . 6.83 -42.39 -6.49
H402 CNC F . 5.63 -41.47 -6.27
H8 CNC F . 4.63 -42.83 -9.85
H411 CNC F . 4.45 -43.67 -11.86
H412 CNC F . 5.62 -42.68 -12.03
H421 CNC F . 4.15 -41.21 -13.15
H422 CNC F . 3.04 -42.30 -13.11
H451 CNC F . 5.70 -43.83 -15.15
H452 CNC F . 5.22 -44.36 -13.94
H10 CNC F . 2.69 -44.09 -10.32
H461 CNC F . 0.09 -45.92 -7.94
H462 CNC F . 0.04 -44.35 -7.64
H463 CNC F . 1.42 -45.05 -8.04
H471 CNC F . 1.61 -46.23 -10.11
H472 CNC F . 0.77 -45.81 -11.39
H473 CNC F . 0.13 -46.78 -10.31
H13 CNC F . -1.82 -44.94 -9.26
H481 CNC F . -1.31 -44.97 -12.05
H482 CNC F . -2.63 -44.24 -11.64
H491 CNC F . -2.23 -46.80 -10.60
H492 CNC F . -2.69 -46.70 -12.08
H521 CNC F . -5.96 -46.01 -11.34
H522 CNC F . -4.94 -45.98 -12.47
H541 CNC F . -3.90 -40.57 -7.47
H542 CNC F . -4.84 -39.35 -7.74
H543 CNC F . -3.29 -39.12 -7.48
H551 CNC F . -5.46 -39.19 -10.37
H552 CNC F . -5.62 -40.58 -9.69
H561 CNC F . -4.30 -41.39 -11.70
H562 CNC F . -4.54 -39.99 -12.25
H59 CNC F . -6.66 -39.47 -13.06
H18 CNC F . -3.21 -38.52 -10.98
H601 CNC F . -3.09 -36.75 -8.91
H602 CNC F . -4.49 -37.34 -8.96
H621 CNC F . -4.60 -34.26 -10.52
H622 CNC F . -4.33 -34.77 -9.11
H1P1 CNC F . -8.77 -39.73 -13.60
H1P2 CNC F . -8.82 -41.07 -12.74
H2P CNC F . -7.63 -42.20 -14.48
H3P1 CNC F . -9.44 -42.30 -15.98
H3P2 CNC F . -10.06 -40.99 -15.35
H3P3 CNC F . -10.00 -42.33 -14.50
H3R CNC F . -4.01 -42.18 -16.65
H2R CNC F . -2.47 -40.58 -16.36
H1R CNC F . -1.31 -42.49 -16.02
H4R CNC F . -4.25 -42.56 -13.82
H5R1 CNC F . -4.62 -44.38 -15.98
H5R2 CNC F . -5.67 -44.01 -14.86
H2B CNC F . -1.41 -42.04 -12.46
H4B CNC F . 2.40 -39.22 -12.80
H7B CNC F . 0.41 -40.81 -16.76
H1 CNC F . -1.45 -38.53 -8.84
#